data_2HDQ
#
_entry.id   2HDQ
#
_cell.length_a   119.434
_cell.length_b   74.781
_cell.length_c   98.281
_cell.angle_alpha   90.00
_cell.angle_beta   116.14
_cell.angle_gamma   90.00
#
_symmetry.space_group_name_H-M   'C 1 2 1'
#
loop_
_entity.id
_entity.type
_entity.pdbx_description
1 polymer Beta-lactamase
2 non-polymer 'THIOPHENE-2-CARBOXYLIC ACID'
3 water water
#
_entity_poly.entity_id   1
_entity_poly.type   'polypeptide(L)'
_entity_poly.pdbx_seq_one_letter_code
;APQQINDIVHRTITPLIEQQKIPGMAVAVIYQGKPYYFTWGYADIAKKQPVTQQTLFELGSVSKTFTGVLGGDAIARGEI
KLSDPTTKYWPELTAKQWNGITLLHLATYTAGGLPLQVPDEVKSSSDLLRFYQNWQPAWAPGTQRLYANSSIGLFGALAV
KPSGLSFEQAMQTRVFQPLKLNHTWINVPPAEEKNYAWGYREGKAVHVSPGALDAEAYGVKSTIEDMARWVQSNLKPLDI
NEKTLQQGIQLAQSRYWQTGDMYQGLGWEMLDWPVNPDSIINGSDNKIALAARPVKAITPPTPAVRASWVHKTGATGGFG
SYVAFIPEKELGIVMLANKNYPNPARVDAAWQILNALQ
;
_entity_poly.pdbx_strand_id   A,B
#
loop_
_chem_comp.id
_chem_comp.type
_chem_comp.name
_chem_comp.formula
C21 non-polymer 'THIOPHENE-2-CARBOXYLIC ACID' 'C5 H4 O2 S'
#
# COMPACT_ATOMS: atom_id res chain seq x y z
N ALA A 1 -35.90 -13.48 5.14
CA ALA A 1 -34.52 -13.50 5.71
C ALA A 1 -34.32 -14.73 6.62
N PRO A 2 -33.06 -15.04 6.96
CA PRO A 2 -32.81 -16.06 7.99
C PRO A 2 -33.37 -15.63 9.33
N GLN A 3 -34.05 -16.55 10.01
CA GLN A 3 -34.73 -16.20 11.25
C GLN A 3 -33.76 -15.62 12.28
N GLN A 4 -32.54 -16.15 12.33
CA GLN A 4 -31.54 -15.68 13.26
C GLN A 4 -31.29 -14.17 13.06
N ILE A 5 -31.11 -13.77 11.80
CA ILE A 5 -30.92 -12.34 11.46
C ILE A 5 -32.18 -11.52 11.79
N ASN A 6 -33.35 -12.03 11.40
CA ASN A 6 -34.63 -11.38 11.76
C ASN A 6 -34.70 -11.14 13.25
N ASP A 7 -34.54 -12.22 14.03
CA ASP A 7 -34.69 -12.19 15.49
C ASP A 7 -33.72 -11.26 16.24
N ILE A 8 -32.41 -11.35 15.97
CA ILE A 8 -31.43 -10.49 16.66
C ILE A 8 -31.60 -9.00 16.34
N VAL A 9 -31.90 -8.69 15.09
CA VAL A 9 -32.13 -7.32 14.67
C VAL A 9 -33.34 -6.73 15.39
N HIS A 10 -34.50 -7.35 15.25
CA HIS A 10 -35.70 -6.83 15.92
C HIS A 10 -35.55 -6.75 17.42
N ARG A 11 -34.82 -7.70 18.01
CA ARG A 11 -34.67 -7.71 19.46
C ARG A 11 -33.70 -6.65 19.97
N THR A 12 -32.85 -6.16 19.09
CA THR A 12 -31.87 -5.18 19.46
C THR A 12 -32.38 -3.79 19.15
N ILE A 13 -33.01 -3.62 17.99
CA ILE A 13 -33.36 -2.27 17.50
C ILE A 13 -34.68 -1.76 18.11
N THR A 14 -35.64 -2.66 18.32
CA THR A 14 -36.95 -2.29 18.87
C THR A 14 -36.80 -1.59 20.23
N PRO A 15 -36.08 -2.19 21.20
CA PRO A 15 -35.77 -1.48 22.44
C PRO A 15 -34.97 -0.19 22.23
N LEU A 16 -34.06 -0.21 21.27
CA LEU A 16 -33.24 0.96 21.00
C LEU A 16 -34.11 2.15 20.62
N ILE A 17 -35.03 1.91 19.70
CA ILE A 17 -35.97 2.91 19.20
C ILE A 17 -36.84 3.46 20.33
N GLU A 18 -37.32 2.57 21.19
CA GLU A 18 -38.12 2.96 22.36
C GLU A 18 -37.30 3.82 23.33
N GLN A 19 -36.17 3.32 23.80
CA GLN A 19 -35.35 4.07 24.77
C GLN A 19 -34.91 5.44 24.24
N GLN A 20 -34.55 5.51 22.96
CA GLN A 20 -33.98 6.74 22.41
C GLN A 20 -35.01 7.61 21.75
N LYS A 21 -36.25 7.11 21.64
CA LYS A 21 -37.35 7.83 21.00
C LYS A 21 -36.99 8.21 19.54
N ILE A 22 -36.56 7.22 18.77
CA ILE A 22 -36.18 7.45 17.38
C ILE A 22 -37.45 7.39 16.50
N PRO A 23 -37.74 8.47 15.74
CA PRO A 23 -38.94 8.44 14.89
C PRO A 23 -38.92 7.38 13.78
N GLY A 24 -37.77 7.18 13.15
CA GLY A 24 -37.66 6.23 12.06
C GLY A 24 -36.26 5.70 11.90
N MET A 25 -36.16 4.46 11.45
CA MET A 25 -34.87 3.78 11.38
C MET A 25 -34.84 2.74 10.26
N ALA A 26 -33.65 2.58 9.69
CA ALA A 26 -33.39 1.58 8.67
C ALA A 26 -32.09 0.85 9.02
N VAL A 27 -32.13 -0.46 8.86
CA VAL A 27 -31.01 -1.28 9.15
C VAL A 27 -30.81 -2.27 8.02
N ALA A 28 -29.54 -2.46 7.67
CA ALA A 28 -29.13 -3.53 6.75
C ALA A 28 -28.13 -4.40 7.49
N VAL A 29 -28.34 -5.71 7.43
CA VAL A 29 -27.32 -6.67 7.77
C VAL A 29 -26.85 -7.27 6.46
N ILE A 30 -25.53 -7.23 6.26
CA ILE A 30 -24.88 -7.77 5.09
C ILE A 30 -24.12 -8.99 5.55
N TYR A 31 -24.42 -10.13 4.94
CA TYR A 31 -23.92 -11.41 5.42
C TYR A 31 -23.64 -12.36 4.23
N GLN A 32 -22.37 -12.72 4.05
CA GLN A 32 -21.94 -13.61 2.96
C GLN A 32 -22.40 -13.14 1.59
N GLY A 33 -22.22 -11.84 1.32
CA GLY A 33 -22.56 -11.26 0.03
C GLY A 33 -24.04 -10.96 -0.21
N LYS A 34 -24.85 -11.04 0.85
CA LYS A 34 -26.28 -10.83 0.74
C LYS A 34 -26.78 -9.78 1.78
N PRO A 35 -27.61 -8.82 1.35
CA PRO A 35 -28.18 -7.88 2.30
C PRO A 35 -29.58 -8.26 2.81
N TYR A 36 -29.87 -7.81 4.03
CA TYR A 36 -31.16 -8.01 4.68
C TYR A 36 -31.56 -6.71 5.34
N TYR A 37 -32.76 -6.25 5.03
CA TYR A 37 -33.19 -4.90 5.35
C TYR A 37 -34.40 -4.90 6.27
N PHE A 38 -34.40 -3.92 7.16
CA PHE A 38 -35.42 -3.76 8.18
C PHE A 38 -35.68 -2.27 8.26
N THR A 39 -36.96 -1.90 8.37
CA THR A 39 -37.33 -0.54 8.59
C THR A 39 -38.40 -0.42 9.66
N TRP A 40 -38.37 0.74 10.31
CA TRP A 40 -39.27 1.08 11.37
C TRP A 40 -39.74 2.52 11.24
N GLY A 41 -41.01 2.73 11.59
CA GLY A 41 -41.52 4.07 11.84
C GLY A 41 -41.54 5.05 10.68
N TYR A 42 -41.22 6.31 11.00
CA TYR A 42 -41.56 7.44 10.13
C TYR A 42 -40.34 8.21 9.63
N ALA A 43 -40.26 8.33 8.30
CA ALA A 43 -39.43 9.31 7.61
C ALA A 43 -39.91 10.72 7.87
N ASP A 44 -41.23 10.90 7.82
CA ASP A 44 -41.89 12.20 8.01
C ASP A 44 -43.09 12.01 8.93
N ILE A 45 -42.96 12.45 10.18
CA ILE A 45 -44.01 12.27 11.18
C ILE A 45 -45.29 13.02 10.79
N ALA A 46 -45.14 14.28 10.40
CA ALA A 46 -46.29 15.12 10.07
C ALA A 46 -47.07 14.61 8.86
N LYS A 47 -46.38 14.07 7.88
CA LYS A 47 -47.07 13.57 6.69
C LYS A 47 -47.25 12.06 6.72
N LYS A 48 -46.98 11.45 7.88
CA LYS A 48 -47.10 9.99 8.09
C LYS A 48 -46.46 9.15 6.98
N GLN A 49 -45.29 9.57 6.50
CA GLN A 49 -44.52 8.81 5.52
C GLN A 49 -43.63 7.81 6.21
N PRO A 50 -43.76 6.51 5.84
CA PRO A 50 -42.97 5.51 6.53
C PRO A 50 -41.51 5.50 6.01
N VAL A 51 -40.58 5.03 6.85
CA VAL A 51 -39.23 4.68 6.40
C VAL A 51 -39.31 3.45 5.49
N THR A 52 -38.75 3.57 4.28
CA THR A 52 -38.68 2.46 3.36
C THR A 52 -37.21 2.21 3.01
N GLN A 53 -36.95 1.22 2.17
CA GLN A 53 -35.60 1.00 1.66
C GLN A 53 -35.12 2.10 0.70
N GLN A 54 -36.03 2.98 0.25
CA GLN A 54 -35.64 4.14 -0.60
C GLN A 54 -35.54 5.46 0.15
N THR A 55 -35.77 5.45 1.48
CA THR A 55 -35.70 6.66 2.27
C THR A 55 -34.23 7.11 2.28
N LEU A 56 -34.02 8.41 2.12
CA LEU A 56 -32.70 9.03 2.21
C LEU A 56 -32.50 9.53 3.62
N PHE A 57 -31.35 9.17 4.19
CA PHE A 57 -30.93 9.68 5.47
C PHE A 57 -29.65 10.50 5.30
N GLU A 58 -29.53 11.54 6.10
CA GLU A 58 -28.25 12.23 6.21
C GLU A 58 -27.24 11.35 6.94
N LEU A 59 -26.09 11.11 6.32
CA LEU A 59 -25.05 10.27 6.86
C LEU A 59 -24.16 10.95 7.87
N GLY A 60 -24.12 12.29 7.87
CA GLY A 60 -23.17 13.03 8.71
C GLY A 60 -21.73 12.61 8.40
N SER A 61 -20.95 12.34 9.45
CA SER A 61 -19.55 11.96 9.29
C SER A 61 -19.27 10.62 8.65
N VAL A 62 -20.28 9.75 8.46
CA VAL A 62 -20.06 8.56 7.64
C VAL A 62 -19.72 8.97 6.20
N SER A 63 -20.12 10.19 5.82
CA SER A 63 -19.62 10.81 4.57
C SER A 63 -18.09 10.75 4.41
N LYS A 64 -17.33 10.81 5.52
CA LYS A 64 -15.84 10.77 5.47
C LYS A 64 -15.21 9.51 4.88
N THR A 65 -15.93 8.40 4.98
CA THR A 65 -15.51 7.15 4.36
C THR A 65 -15.51 7.27 2.82
N PHE A 66 -16.49 7.99 2.29
CA PHE A 66 -16.50 8.26 0.85
C PHE A 66 -15.32 9.15 0.46
N THR A 67 -15.12 10.19 1.24
CA THR A 67 -13.99 11.11 1.08
C THR A 67 -12.66 10.39 1.15
N GLY A 68 -12.50 9.51 2.14
CA GLY A 68 -11.31 8.69 2.26
C GLY A 68 -11.04 7.85 1.04
N VAL A 69 -12.08 7.16 0.57
CA VAL A 69 -11.98 6.28 -0.58
C VAL A 69 -11.75 7.10 -1.88
N LEU A 70 -12.45 8.23 -2.02
CA LEU A 70 -12.21 9.13 -3.19
C LEU A 70 -10.75 9.60 -3.24
N GLY A 71 -10.20 9.99 -2.10
CA GLY A 71 -8.79 10.36 -2.00
C GLY A 71 -7.84 9.20 -2.29
N GLY A 72 -8.14 8.02 -1.75
CA GLY A 72 -7.39 6.80 -2.09
C GLY A 72 -7.42 6.43 -3.58
N ASP A 73 -8.57 6.64 -4.22
CA ASP A 73 -8.68 6.50 -5.68
C ASP A 73 -7.75 7.49 -6.42
N ALA A 74 -7.67 8.73 -5.95
CA ALA A 74 -6.83 9.77 -6.57
C ALA A 74 -5.35 9.42 -6.43
N ILE A 75 -5.03 8.72 -5.36
CA ILE A 75 -3.69 8.22 -5.12
C ILE A 75 -3.38 7.11 -6.13
N ALA A 76 -4.26 6.12 -6.22
CA ALA A 76 -4.12 5.04 -7.17
C ALA A 76 -4.05 5.53 -8.63
N ARG A 77 -4.70 6.65 -8.94
CA ARG A 77 -4.60 7.26 -10.28
C ARG A 77 -3.31 8.06 -10.49
N GLY A 78 -2.45 8.16 -9.48
CA GLY A 78 -1.20 8.90 -9.59
C GLY A 78 -1.35 10.40 -9.56
N GLU A 79 -2.51 10.88 -9.14
CA GLU A 79 -2.78 12.32 -9.12
C GLU A 79 -2.22 13.01 -7.89
N ILE A 80 -2.24 12.33 -6.76
CA ILE A 80 -1.76 12.89 -5.50
C ILE A 80 -0.97 11.86 -4.75
N LYS A 81 -0.19 12.33 -3.78
CA LYS A 81 0.49 11.47 -2.87
C LYS A 81 0.20 11.96 -1.46
N LEU A 82 -0.03 11.02 -0.53
CA LEU A 82 -0.32 11.38 0.84
C LEU A 82 0.88 12.04 1.53
N SER A 83 2.08 11.75 1.04
CA SER A 83 3.31 12.41 1.51
C SER A 83 3.49 13.85 1.01
N ASP A 84 2.71 14.28 0.03
CA ASP A 84 2.84 15.65 -0.51
C ASP A 84 2.47 16.70 0.52
N PRO A 85 3.24 17.81 0.57
CA PRO A 85 2.85 18.95 1.38
C PRO A 85 1.51 19.49 0.94
N THR A 86 0.70 19.95 1.89
CA THR A 86 -0.59 20.57 1.60
C THR A 86 -0.42 21.73 0.60
N THR A 87 0.64 22.52 0.79
CA THR A 87 0.94 23.69 -0.05
C THR A 87 1.21 23.33 -1.52
N LYS A 88 1.43 22.06 -1.83
CA LYS A 88 1.59 21.68 -3.23
C LYS A 88 0.30 21.91 -3.98
N TYR A 89 -0.82 21.61 -3.32
CA TYR A 89 -2.18 21.70 -3.93
C TYR A 89 -2.86 23.01 -3.62
N TRP A 90 -2.27 23.81 -2.74
CA TRP A 90 -2.81 25.12 -2.37
C TRP A 90 -1.65 26.07 -2.07
N PRO A 91 -0.92 26.51 -3.12
CA PRO A 91 0.30 27.33 -2.96
C PRO A 91 0.09 28.68 -2.30
N GLU A 92 -1.15 29.17 -2.32
CA GLU A 92 -1.50 30.43 -1.65
C GLU A 92 -1.53 30.31 -0.11
N LEU A 93 -1.43 29.08 0.37
CA LEU A 93 -1.34 28.79 1.80
C LEU A 93 0.13 28.96 2.19
N THR A 94 0.52 30.21 2.38
CA THR A 94 1.90 30.63 2.58
C THR A 94 2.35 30.77 4.05
N ALA A 95 1.41 30.72 5.00
CA ALA A 95 1.76 30.83 6.42
C ALA A 95 2.66 29.66 6.85
N LYS A 96 3.67 29.97 7.67
CA LYS A 96 4.77 29.02 7.97
C LYS A 96 4.35 27.78 8.77
N GLN A 97 3.26 27.88 9.52
CA GLN A 97 2.76 26.71 10.27
C GLN A 97 2.41 25.52 9.37
N TRP A 98 2.19 25.79 8.08
CA TRP A 98 1.82 24.75 7.12
C TRP A 98 3.00 23.95 6.56
N ASN A 99 4.21 24.39 6.89
CA ASN A 99 5.43 23.65 6.53
C ASN A 99 5.50 22.41 7.36
N GLY A 100 5.62 21.27 6.68
CA GLY A 100 5.55 19.98 7.33
C GLY A 100 4.17 19.34 7.36
N ILE A 101 3.12 20.08 6.96
CA ILE A 101 1.78 19.53 6.99
C ILE A 101 1.43 18.90 5.65
N THR A 102 1.23 17.60 5.68
CA THR A 102 0.98 16.78 4.50
C THR A 102 -0.49 16.43 4.33
N LEU A 103 -0.82 15.91 3.16
CA LEU A 103 -2.16 15.42 2.90
C LEU A 103 -2.51 14.26 3.84
N LEU A 104 -1.53 13.46 4.25
CA LEU A 104 -1.79 12.43 5.25
C LEU A 104 -2.34 13.05 6.54
N HIS A 105 -1.67 14.08 7.03
CA HIS A 105 -2.10 14.76 8.25
C HIS A 105 -3.54 15.29 8.19
N LEU A 106 -3.91 15.91 7.07
CA LEU A 106 -5.26 16.42 6.89
C LEU A 106 -6.26 15.26 6.91
N ALA A 107 -5.94 14.21 6.16
CA ALA A 107 -6.84 13.08 5.99
C ALA A 107 -7.11 12.28 7.30
N THR A 108 -6.19 12.36 8.26
CA THR A 108 -6.22 11.55 9.49
C THR A 108 -6.22 12.38 10.80
N TYR A 109 -6.53 13.67 10.71
CA TYR A 109 -6.76 14.54 11.89
C TYR A 109 -5.49 14.76 12.72
N THR A 110 -4.33 14.63 12.08
CA THR A 110 -3.04 14.73 12.78
C THR A 110 -2.23 15.97 12.35
N ALA A 111 -2.87 16.95 11.71
CA ALA A 111 -2.17 18.18 11.28
C ALA A 111 -1.67 19.07 12.42
N GLY A 112 -2.19 18.85 13.64
CA GLY A 112 -1.74 19.59 14.81
C GLY A 112 -2.82 20.39 15.51
N GLY A 113 -4.05 19.94 15.38
CA GLY A 113 -5.18 20.51 16.14
C GLY A 113 -6.05 21.42 15.31
N LEU A 114 -6.30 21.05 14.06
CA LEU A 114 -7.32 21.73 13.28
C LEU A 114 -8.69 21.63 13.98
N PRO A 115 -9.48 22.70 13.92
CA PRO A 115 -10.71 22.78 14.69
C PRO A 115 -11.84 21.91 14.14
N LEU A 116 -12.80 21.60 15.01
CA LEU A 116 -13.86 20.63 14.67
C LEU A 116 -14.72 21.08 13.49
N GLN A 117 -15.00 22.37 13.44
CA GLN A 117 -15.86 22.91 12.39
C GLN A 117 -15.17 24.03 11.67
N VAL A 118 -15.41 24.10 10.36
CA VAL A 118 -15.18 25.33 9.64
C VAL A 118 -16.22 26.34 10.17
N PRO A 119 -15.76 27.56 10.54
CA PRO A 119 -16.77 28.49 11.07
C PRO A 119 -17.85 28.85 10.04
N ASP A 120 -19.06 29.08 10.55
CA ASP A 120 -20.24 29.39 9.75
C ASP A 120 -20.06 30.62 8.88
N GLU A 121 -19.21 31.53 9.36
CA GLU A 121 -18.91 32.80 8.70
C GLU A 121 -18.01 32.63 7.47
N VAL A 122 -17.47 31.43 7.27
CA VAL A 122 -16.67 31.11 6.07
C VAL A 122 -17.59 30.68 4.93
N LYS A 123 -17.55 31.44 3.83
CA LYS A 123 -18.48 31.25 2.71
C LYS A 123 -17.79 31.22 1.37
N SER A 124 -16.87 32.15 1.17
CA SER A 124 -16.14 32.28 -0.08
C SER A 124 -14.83 31.52 -0.03
N SER A 125 -14.20 31.40 -1.19
CA SER A 125 -12.87 30.85 -1.31
C SER A 125 -11.85 31.70 -0.53
N SER A 126 -12.00 33.02 -0.61
CA SER A 126 -11.16 33.97 0.13
C SER A 126 -11.26 33.80 1.65
N ASP A 127 -12.49 33.66 2.15
CA ASP A 127 -12.75 33.33 3.56
C ASP A 127 -12.02 32.04 3.96
N LEU A 128 -12.04 31.05 3.08
CA LEU A 128 -11.47 29.74 3.40
C LEU A 128 -9.94 29.79 3.52
N LEU A 129 -9.31 30.52 2.60
CA LEU A 129 -7.88 30.82 2.69
C LEU A 129 -7.51 31.52 4.01
N ARG A 130 -8.28 32.55 4.32
CA ARG A 130 -8.14 33.35 5.52
C ARG A 130 -8.21 32.47 6.77
N PHE A 131 -9.26 31.67 6.86
CA PHE A 131 -9.46 30.74 7.98
C PHE A 131 -8.24 29.82 8.17
N TYR A 132 -7.77 29.18 7.10
CA TYR A 132 -6.63 28.25 7.23
C TYR A 132 -5.29 28.92 7.47
N GLN A 133 -5.09 30.08 6.82
CA GLN A 133 -3.91 30.92 7.04
C GLN A 133 -3.79 31.38 8.50
N ASN A 134 -4.92 31.67 9.13
CA ASN A 134 -4.93 32.25 10.47
C ASN A 134 -4.96 31.24 11.62
N TRP A 135 -5.18 29.96 11.29
CA TRP A 135 -5.14 28.87 12.26
C TRP A 135 -3.74 28.65 12.81
N GLN A 136 -3.63 28.68 14.13
CA GLN A 136 -2.36 28.38 14.78
C GLN A 136 -2.46 27.00 15.42
N PRO A 137 -1.63 26.05 14.94
CA PRO A 137 -1.62 24.70 15.51
C PRO A 137 -1.26 24.67 16.98
N ALA A 138 -1.81 23.69 17.69
CA ALA A 138 -1.45 23.44 19.09
C ALA A 138 -0.25 22.52 19.17
N TRP A 139 -0.10 21.66 18.17
CA TRP A 139 0.93 20.63 18.21
C TRP A 139 1.65 20.51 16.89
N ALA A 140 2.86 19.97 16.95
CA ALA A 140 3.60 19.63 15.73
C ALA A 140 2.82 18.56 14.95
N PRO A 141 2.95 18.57 13.62
CA PRO A 141 2.20 17.58 12.83
C PRO A 141 2.55 16.13 13.18
N GLY A 142 1.60 15.23 13.03
CA GLY A 142 1.85 13.81 13.27
C GLY A 142 2.15 13.38 14.69
N THR A 143 1.64 14.12 15.66
CA THR A 143 1.80 13.79 17.10
C THR A 143 0.48 13.55 17.85
N GLN A 144 -0.57 14.29 17.51
CA GLN A 144 -1.87 14.07 18.16
C GLN A 144 -2.99 13.99 17.15
N ARG A 145 -3.94 13.09 17.42
CA ARG A 145 -5.18 13.04 16.66
C ARG A 145 -6.25 13.89 17.35
N LEU A 146 -6.82 14.81 16.60
CA LEU A 146 -8.02 15.51 17.05
C LEU A 146 -9.00 15.58 15.89
N TYR A 147 -10.12 14.88 16.07
CA TYR A 147 -11.17 14.80 15.09
C TYR A 147 -11.64 16.18 14.62
N ALA A 148 -11.73 16.34 13.31
CA ALA A 148 -12.02 17.66 12.73
C ALA A 148 -12.57 17.58 11.29
N ASN A 149 -13.75 18.15 11.10
CA ASN A 149 -14.32 18.31 9.80
C ASN A 149 -13.47 19.24 8.93
N SER A 150 -12.80 20.23 9.54
CA SER A 150 -11.96 21.18 8.81
C SER A 150 -10.64 20.51 8.31
N SER A 151 -10.24 19.42 8.96
CA SER A 151 -9.05 18.65 8.58
C SER A 151 -9.33 17.78 7.35
N ILE A 152 -10.23 16.81 7.48
CA ILE A 152 -10.53 15.91 6.36
C ILE A 152 -11.32 16.59 5.23
N GLY A 153 -12.04 17.66 5.57
CA GLY A 153 -12.71 18.48 4.59
C GLY A 153 -11.73 19.05 3.56
N LEU A 154 -10.68 19.70 4.06
CA LEU A 154 -9.62 20.25 3.22
C LEU A 154 -8.92 19.18 2.42
N PHE A 155 -8.65 18.03 3.06
CA PHE A 155 -8.11 16.90 2.33
C PHE A 155 -8.99 16.57 1.11
N GLY A 156 -10.31 16.54 1.28
CA GLY A 156 -11.21 16.18 0.20
C GLY A 156 -11.17 17.16 -0.96
N ALA A 157 -11.17 18.45 -0.64
CA ALA A 157 -11.12 19.52 -1.66
C ALA A 157 -9.79 19.52 -2.41
N LEU A 158 -8.68 19.27 -1.71
CA LEU A 158 -7.35 19.29 -2.35
C LEU A 158 -7.10 18.03 -3.18
N ALA A 159 -7.56 16.87 -2.69
CA ALA A 159 -7.40 15.60 -3.39
C ALA A 159 -7.95 15.56 -4.82
N VAL A 160 -8.99 16.34 -5.10
CA VAL A 160 -9.65 16.39 -6.42
C VAL A 160 -9.11 17.50 -7.36
N LYS A 161 -8.33 18.42 -6.82
CA LYS A 161 -7.85 19.54 -7.63
C LYS A 161 -7.20 19.10 -8.95
N PRO A 162 -6.13 18.27 -8.91
CA PRO A 162 -5.52 17.86 -10.17
C PRO A 162 -6.44 17.15 -11.18
N SER A 163 -7.50 16.50 -10.71
CA SER A 163 -8.44 15.81 -11.62
C SER A 163 -9.11 16.79 -12.57
N GLY A 164 -9.33 18.02 -12.13
CA GLY A 164 -10.09 19.00 -12.90
C GLY A 164 -11.57 19.07 -12.50
N LEU A 165 -11.99 18.16 -11.62
CA LEU A 165 -13.38 18.08 -11.24
C LEU A 165 -13.64 18.80 -9.91
N SER A 166 -14.87 19.27 -9.75
CA SER A 166 -15.41 19.64 -8.45
C SER A 166 -15.46 18.38 -7.58
N PHE A 167 -15.41 18.54 -6.27
CA PHE A 167 -15.50 17.38 -5.37
C PHE A 167 -16.72 16.49 -5.75
N GLU A 168 -17.88 17.14 -5.86
CA GLU A 168 -19.14 16.48 -6.20
C GLU A 168 -19.05 15.65 -7.49
N GLN A 169 -18.52 16.27 -8.53
CA GLN A 169 -18.37 15.62 -9.82
C GLN A 169 -17.35 14.47 -9.73
N ALA A 170 -16.25 14.68 -9.03
CA ALA A 170 -15.29 13.58 -8.81
C ALA A 170 -15.96 12.39 -8.07
N MET A 171 -16.68 12.66 -6.99
CA MET A 171 -17.34 11.61 -6.20
C MET A 171 -18.39 10.82 -7.01
N GLN A 172 -19.26 11.55 -7.69
CA GLN A 172 -20.25 10.93 -8.57
C GLN A 172 -19.59 10.02 -9.63
N THR A 173 -18.67 10.58 -10.40
CA THR A 173 -18.12 9.85 -11.54
C THR A 173 -17.14 8.73 -11.12
N ARG A 174 -16.41 8.93 -10.01
CA ARG A 174 -15.36 7.99 -9.62
C ARG A 174 -15.75 6.97 -8.53
N VAL A 175 -16.77 7.26 -7.73
CA VAL A 175 -17.15 6.35 -6.63
C VAL A 175 -18.60 5.89 -6.73
N PHE A 176 -19.52 6.84 -6.80
CA PHE A 176 -20.94 6.51 -6.81
C PHE A 176 -21.33 5.72 -8.07
N GLN A 177 -21.07 6.28 -9.25
CA GLN A 177 -21.42 5.63 -10.51
C GLN A 177 -20.87 4.21 -10.61
N PRO A 178 -19.53 4.03 -10.50
CA PRO A 178 -18.94 2.69 -10.58
C PRO A 178 -19.54 1.63 -9.65
N LEU A 179 -19.91 2.04 -8.43
CA LEU A 179 -20.44 1.07 -7.47
C LEU A 179 -21.95 0.97 -7.55
N LYS A 180 -22.53 1.70 -8.50
CA LYS A 180 -23.99 1.74 -8.73
C LYS A 180 -24.76 2.26 -7.49
N LEU A 181 -24.21 3.32 -6.90
CA LEU A 181 -24.85 4.00 -5.79
C LEU A 181 -25.69 5.14 -6.38
N ASN A 182 -26.85 4.76 -6.92
CA ASN A 182 -27.67 5.66 -7.73
C ASN A 182 -28.67 6.49 -6.94
N HIS A 183 -28.73 6.25 -5.62
CA HIS A 183 -29.61 6.97 -4.72
C HIS A 183 -28.81 7.54 -3.53
N THR A 184 -27.61 8.01 -3.86
CA THR A 184 -26.67 8.59 -2.93
C THR A 184 -26.28 9.96 -3.49
N TRP A 185 -26.43 10.99 -2.66
CA TRP A 185 -26.36 12.37 -3.12
C TRP A 185 -25.58 13.23 -2.19
N ILE A 186 -24.83 14.17 -2.76
CA ILE A 186 -24.25 15.27 -1.97
C ILE A 186 -25.26 16.39 -1.90
N ASN A 187 -25.98 16.63 -3.01
CA ASN A 187 -27.15 17.52 -3.04
C ASN A 187 -28.40 16.76 -3.46
N VAL A 188 -29.40 16.71 -2.57
CA VAL A 188 -30.64 15.97 -2.86
C VAL A 188 -31.43 16.70 -3.95
N PRO A 189 -31.64 16.04 -5.10
CA PRO A 189 -32.35 16.69 -6.19
C PRO A 189 -33.85 16.83 -5.89
N PRO A 190 -34.53 17.82 -6.49
CA PRO A 190 -35.99 17.93 -6.35
C PRO A 190 -36.78 16.62 -6.57
N ALA A 191 -36.37 15.84 -7.57
CA ALA A 191 -36.98 14.53 -7.88
C ALA A 191 -36.97 13.55 -6.69
N GLU A 192 -35.96 13.65 -5.82
CA GLU A 192 -35.79 12.73 -4.71
C GLU A 192 -36.30 13.27 -3.37
N GLU A 193 -36.83 14.50 -3.34
CA GLU A 193 -37.24 15.09 -2.06
C GLU A 193 -38.34 14.29 -1.37
N LYS A 194 -39.14 13.57 -2.16
CA LYS A 194 -40.20 12.69 -1.65
C LYS A 194 -39.66 11.56 -0.77
N ASN A 195 -38.43 11.14 -1.04
CA ASN A 195 -37.74 10.09 -0.31
C ASN A 195 -36.90 10.59 0.86
N TYR A 196 -36.63 11.89 0.89
CA TYR A 196 -35.76 12.50 1.87
C TYR A 196 -36.45 12.61 3.23
N ALA A 197 -36.00 11.79 4.19
CA ALA A 197 -36.52 11.88 5.57
C ALA A 197 -36.19 13.23 6.15
N TRP A 198 -37.07 13.70 7.03
CA TRP A 198 -36.76 14.78 7.93
C TRP A 198 -35.99 14.21 9.11
N GLY A 199 -35.00 14.96 9.57
CA GLY A 199 -34.42 14.72 10.87
C GLY A 199 -35.24 15.40 11.94
N TYR A 200 -35.19 14.87 13.15
CA TYR A 200 -35.87 15.48 14.30
C TYR A 200 -34.86 15.79 15.41
N ARG A 201 -34.81 17.07 15.76
CA ARG A 201 -33.99 17.57 16.85
C ARG A 201 -34.90 18.37 17.78
N GLU A 202 -35.00 17.92 19.03
CA GLU A 202 -35.90 18.50 20.01
C GLU A 202 -37.33 18.50 19.48
N GLY A 203 -37.68 17.48 18.70
CA GLY A 203 -39.04 17.35 18.17
C GLY A 203 -39.40 18.24 16.99
N LYS A 204 -38.42 18.93 16.42
CA LYS A 204 -38.62 19.79 15.24
C LYS A 204 -37.99 19.13 14.03
N ALA A 205 -38.67 19.18 12.89
CA ALA A 205 -38.14 18.62 11.66
C ALA A 205 -36.98 19.50 11.18
N VAL A 206 -35.82 18.89 10.90
CA VAL A 206 -34.65 19.65 10.44
C VAL A 206 -33.85 18.92 9.37
N HIS A 207 -33.19 19.69 8.52
CA HIS A 207 -32.21 19.15 7.56
C HIS A 207 -30.88 19.85 7.78
N VAL A 208 -29.80 19.19 7.36
CA VAL A 208 -28.45 19.74 7.54
C VAL A 208 -28.32 21.06 6.78
N SER A 209 -27.67 22.04 7.42
CA SER A 209 -27.47 23.36 6.83
C SER A 209 -26.24 23.36 5.94
N PRO A 210 -26.27 24.15 4.85
CA PRO A 210 -25.08 24.33 4.03
C PRO A 210 -23.93 24.99 4.79
N GLY A 211 -22.71 24.61 4.46
CA GLY A 211 -21.50 25.23 5.03
C GLY A 211 -20.29 24.89 4.20
N ALA A 212 -19.23 25.67 4.38
CA ALA A 212 -17.94 25.39 3.73
C ALA A 212 -17.53 23.94 3.99
N LEU A 213 -17.10 23.28 2.91
CA LEU A 213 -16.58 21.89 2.96
C LEU A 213 -17.55 20.85 3.55
N ASP A 214 -18.85 21.08 3.35
CA ASP A 214 -19.88 20.18 3.88
C ASP A 214 -19.92 18.86 3.12
N ALA A 215 -19.80 18.90 1.80
CA ALA A 215 -19.78 17.68 0.98
C ALA A 215 -18.68 16.74 1.42
N GLU A 216 -17.49 17.30 1.63
CA GLU A 216 -16.29 16.53 1.97
C GLU A 216 -16.33 15.89 3.37
N ALA A 217 -17.11 16.49 4.28
CA ALA A 217 -17.04 16.15 5.72
C ALA A 217 -18.28 15.50 6.27
N TYR A 218 -19.46 16.03 5.93
CA TYR A 218 -20.72 15.55 6.51
C TYR A 218 -21.96 15.64 5.62
N GLY A 219 -21.79 15.79 4.32
CA GLY A 219 -22.90 16.16 3.44
C GLY A 219 -23.58 15.11 2.56
N VAL A 220 -23.19 13.86 2.68
CA VAL A 220 -23.76 12.80 1.81
C VAL A 220 -25.08 12.30 2.42
N LYS A 221 -26.05 12.06 1.54
CA LYS A 221 -27.33 11.47 1.88
C LYS A 221 -27.48 10.19 1.06
N SER A 222 -28.05 9.17 1.68
CA SER A 222 -28.12 7.86 1.03
C SER A 222 -29.28 7.00 1.57
N THR A 223 -29.62 5.96 0.81
CA THR A 223 -30.63 4.97 1.21
C THR A 223 -29.96 3.76 1.87
N ILE A 224 -30.75 2.98 2.61
CA ILE A 224 -30.18 1.80 3.28
C ILE A 224 -29.62 0.80 2.24
N GLU A 225 -30.23 0.73 1.07
CA GLU A 225 -29.77 -0.18 0.01
C GLU A 225 -28.41 0.22 -0.54
N ASP A 226 -28.24 1.50 -0.85
CA ASP A 226 -26.96 2.00 -1.34
C ASP A 226 -25.90 1.87 -0.25
N MET A 227 -26.27 2.11 0.99
CA MET A 227 -25.30 1.97 2.08
C MET A 227 -24.86 0.53 2.31
N ALA A 228 -25.76 -0.42 2.10
CA ALA A 228 -25.38 -1.84 2.16
C ALA A 228 -24.42 -2.18 1.02
N ARG A 229 -24.73 -1.69 -0.16
CA ARG A 229 -23.87 -1.82 -1.34
C ARG A 229 -22.48 -1.17 -1.10
N TRP A 230 -22.43 -0.07 -0.35
CA TRP A 230 -21.15 0.52 0.09
C TRP A 230 -20.38 -0.40 1.05
N VAL A 231 -21.10 -0.99 2.03
CA VAL A 231 -20.45 -1.93 2.96
C VAL A 231 -19.89 -3.14 2.20
N GLN A 232 -20.68 -3.70 1.29
CA GLN A 232 -20.22 -4.81 0.44
C GLN A 232 -19.00 -4.47 -0.41
N SER A 233 -18.96 -3.26 -0.95
CA SER A 233 -17.81 -2.80 -1.73
C SER A 233 -16.54 -2.75 -0.87
N ASN A 234 -16.66 -2.21 0.35
CA ASN A 234 -15.57 -2.17 1.31
C ASN A 234 -15.22 -3.51 1.99
N LEU A 235 -16.19 -4.41 2.10
CA LEU A 235 -15.97 -5.80 2.57
C LEU A 235 -15.16 -6.65 1.58
N LYS A 236 -15.47 -6.51 0.30
CA LYS A 236 -14.82 -7.26 -0.80
C LYS A 236 -14.34 -6.32 -1.92
N PRO A 237 -13.32 -5.51 -1.64
CA PRO A 237 -12.84 -4.55 -2.66
C PRO A 237 -12.29 -5.24 -3.92
N LEU A 238 -11.80 -6.48 -3.78
CA LEU A 238 -11.22 -7.20 -4.92
C LEU A 238 -12.27 -7.68 -5.93
N ASP A 239 -13.55 -7.65 -5.54
CA ASP A 239 -14.64 -7.87 -6.49
C ASP A 239 -14.90 -6.66 -7.40
N ILE A 240 -14.31 -5.52 -7.08
CA ILE A 240 -14.53 -4.27 -7.82
C ILE A 240 -13.72 -4.24 -9.12
N ASN A 241 -14.40 -3.97 -10.24
CA ASN A 241 -13.75 -3.98 -11.55
C ASN A 241 -12.80 -2.80 -11.81
N GLU A 242 -13.14 -1.61 -11.33
CA GLU A 242 -12.31 -0.43 -11.54
C GLU A 242 -11.09 -0.48 -10.64
N LYS A 243 -9.91 -0.62 -11.24
CA LYS A 243 -8.67 -0.91 -10.49
C LYS A 243 -8.25 0.18 -9.50
N THR A 244 -8.39 1.44 -9.88
CA THR A 244 -7.97 2.53 -8.98
C THR A 244 -8.93 2.70 -7.80
N LEU A 245 -10.21 2.36 -7.99
CA LEU A 245 -11.20 2.39 -6.92
C LEU A 245 -10.96 1.25 -5.92
N GLN A 246 -10.83 0.04 -6.43
CA GLN A 246 -10.45 -1.14 -5.64
C GLN A 246 -9.23 -0.84 -4.78
N GLN A 247 -8.24 -0.18 -5.38
CA GLN A 247 -7.00 0.18 -4.70
C GLN A 247 -7.25 1.30 -3.68
N GLY A 248 -8.10 2.26 -4.06
CA GLY A 248 -8.48 3.36 -3.17
C GLY A 248 -9.18 2.91 -1.89
N ILE A 249 -10.02 1.90 -2.06
CA ILE A 249 -10.71 1.25 -0.94
C ILE A 249 -9.68 0.63 0.00
N GLN A 250 -8.72 -0.10 -0.56
CA GLN A 250 -7.65 -0.70 0.27
C GLN A 250 -6.78 0.34 0.96
N LEU A 251 -6.45 1.42 0.25
CA LEU A 251 -5.72 2.53 0.86
C LEU A 251 -6.50 3.18 2.03
N ALA A 252 -7.82 3.28 1.92
CA ALA A 252 -8.65 3.91 2.95
C ALA A 252 -8.77 3.09 4.25
N GLN A 253 -8.62 1.76 4.12
CA GLN A 253 -8.63 0.84 5.28
C GLN A 253 -7.23 0.46 5.76
N SER A 254 -6.21 1.12 5.20
CA SER A 254 -4.84 0.89 5.66
C SER A 254 -4.70 1.61 6.99
N ARG A 255 -3.76 1.20 7.82
CA ARG A 255 -3.61 1.75 9.15
C ARG A 255 -2.41 2.67 9.25
N TYR A 256 -2.69 3.94 9.44
CA TYR A 256 -1.70 5.00 9.37
C TYR A 256 -1.24 5.42 10.74
N TRP A 257 -2.11 5.31 11.72
CA TRP A 257 -1.80 5.71 13.09
C TRP A 257 -2.48 4.80 14.09
N GLN A 258 -1.83 4.60 15.23
CA GLN A 258 -2.47 3.87 16.32
C GLN A 258 -2.60 4.78 17.53
N THR A 259 -3.76 4.69 18.18
CA THR A 259 -3.96 5.23 19.52
C THR A 259 -4.77 4.19 20.32
N GLY A 260 -4.19 3.70 21.42
CA GLY A 260 -4.84 2.63 22.18
C GLY A 260 -5.09 1.43 21.29
N ASP A 261 -6.35 1.03 21.18
CA ASP A 261 -6.72 -0.14 20.34
C ASP A 261 -7.26 0.25 18.96
N MET A 262 -7.27 1.54 18.66
CA MET A 262 -7.83 2.01 17.38
C MET A 262 -6.75 2.43 16.40
N TYR A 263 -7.06 2.18 15.13
CA TYR A 263 -6.22 2.56 14.01
C TYR A 263 -6.98 3.51 13.12
N GLN A 264 -6.31 4.58 12.72
CA GLN A 264 -6.89 5.58 11.85
C GLN A 264 -6.56 5.25 10.39
N GLY A 265 -7.65 5.06 9.61
CA GLY A 265 -7.60 4.95 8.15
C GLY A 265 -7.87 6.26 7.44
N LEU A 266 -8.25 6.20 6.17
CA LEU A 266 -8.77 7.40 5.49
C LEU A 266 -10.31 7.34 5.54
N GLY A 267 -10.87 8.12 6.46
CA GLY A 267 -12.29 8.03 6.76
C GLY A 267 -12.60 6.88 7.72
N TRP A 268 -12.39 5.64 7.26
CA TRP A 268 -12.60 4.46 8.10
C TRP A 268 -11.68 4.47 9.33
N GLU A 269 -12.14 3.85 10.39
CA GLU A 269 -11.35 3.59 11.60
C GLU A 269 -11.45 2.11 11.85
N MET A 270 -10.39 1.53 12.43
CA MET A 270 -10.28 0.06 12.55
C MET A 270 -9.77 -0.37 13.94
N LEU A 271 -10.26 -1.52 14.37
CA LEU A 271 -9.66 -2.27 15.48
C LEU A 271 -9.38 -3.68 14.96
N ASP A 272 -8.48 -4.37 15.64
CA ASP A 272 -8.21 -5.76 15.32
C ASP A 272 -9.42 -6.60 15.72
N TRP A 273 -9.75 -7.59 14.89
CA TRP A 273 -10.83 -8.53 15.17
C TRP A 273 -10.20 -9.83 15.68
N PRO A 274 -10.76 -10.45 16.74
CA PRO A 274 -11.89 -10.08 17.58
C PRO A 274 -11.65 -8.85 18.45
N VAL A 275 -12.74 -8.12 18.68
CA VAL A 275 -12.72 -6.87 19.38
C VAL A 275 -13.33 -7.02 20.77
N ASN A 276 -12.72 -6.31 21.73
CA ASN A 276 -13.39 -5.99 22.98
C ASN A 276 -14.05 -4.62 22.81
N PRO A 277 -15.40 -4.59 22.78
CA PRO A 277 -16.13 -3.37 22.47
C PRO A 277 -16.16 -2.28 23.56
N ASP A 278 -15.39 -2.46 24.65
CA ASP A 278 -15.41 -1.52 25.77
C ASP A 278 -14.84 -0.13 25.41
N SER A 279 -13.75 -0.07 24.67
CA SER A 279 -13.15 1.23 24.28
C SER A 279 -14.07 2.06 23.38
N ILE A 280 -14.89 1.37 22.59
CA ILE A 280 -15.76 2.04 21.61
C ILE A 280 -17.17 2.28 22.14
N ILE A 281 -17.45 1.76 23.34
CA ILE A 281 -18.72 2.01 24.03
C ILE A 281 -18.50 2.83 25.30
N ASN A 282 -17.53 2.44 26.12
CA ASN A 282 -17.36 3.01 27.45
C ASN A 282 -16.15 3.91 27.62
N GLY A 283 -15.08 3.56 26.92
CA GLY A 283 -13.78 4.14 27.18
C GLY A 283 -13.37 5.20 26.20
N SER A 284 -12.08 5.23 25.92
CA SER A 284 -11.45 6.38 25.30
C SER A 284 -11.91 6.68 23.86
N ASP A 285 -12.52 5.71 23.20
CA ASP A 285 -12.88 5.87 21.79
C ASP A 285 -14.40 5.75 21.55
N ASN A 286 -15.20 6.07 22.58
CA ASN A 286 -16.67 6.03 22.47
C ASN A 286 -17.30 7.31 21.89
N LYS A 287 -16.45 8.29 21.59
CA LYS A 287 -16.85 9.49 20.84
C LYS A 287 -17.77 10.47 21.61
N ILE A 288 -17.93 10.30 22.92
CA ILE A 288 -18.73 11.25 23.70
C ILE A 288 -18.00 12.59 23.77
N ALA A 289 -16.71 12.54 24.08
CA ALA A 289 -15.90 13.73 24.22
C ALA A 289 -15.12 13.98 22.92
N LEU A 290 -14.81 15.24 22.65
CA LEU A 290 -13.79 15.54 21.66
C LEU A 290 -12.42 15.35 22.34
N ALA A 291 -11.66 14.38 21.85
CA ALA A 291 -10.49 13.90 22.57
C ALA A 291 -9.19 14.11 21.79
N ALA A 292 -8.28 14.89 22.36
CA ALA A 292 -6.89 14.97 21.88
C ALA A 292 -6.11 13.74 22.37
N ARG A 293 -5.63 12.91 21.43
CA ARG A 293 -4.96 11.65 21.75
C ARG A 293 -3.62 11.55 21.01
N PRO A 294 -2.50 11.37 21.77
CA PRO A 294 -1.27 11.10 21.05
C PRO A 294 -1.38 9.84 20.18
N VAL A 295 -0.71 9.87 19.04
CA VAL A 295 -0.74 8.80 18.07
C VAL A 295 0.64 8.22 17.85
N LYS A 296 0.67 6.93 17.55
CA LYS A 296 1.88 6.25 17.15
C LYS A 296 1.85 6.08 15.63
N ALA A 297 2.88 6.55 14.95
CA ALA A 297 2.96 6.40 13.50
C ALA A 297 3.11 4.93 13.18
N ILE A 298 2.35 4.45 12.21
CA ILE A 298 2.53 3.10 11.68
C ILE A 298 3.37 3.27 10.40
N THR A 299 4.64 2.91 10.51
CA THR A 299 5.67 3.22 9.51
C THR A 299 6.33 1.96 8.91
N PRO A 300 5.97 1.61 7.66
CA PRO A 300 4.95 2.21 6.82
C PRO A 300 3.58 1.71 7.24
N PRO A 301 2.50 2.36 6.74
CA PRO A 301 1.15 1.96 7.06
C PRO A 301 0.90 0.50 6.75
N THR A 302 0.10 -0.15 7.58
CA THR A 302 -0.24 -1.54 7.36
C THR A 302 -1.34 -1.61 6.34
N PRO A 303 -1.17 -2.44 5.29
CA PRO A 303 -2.24 -2.63 4.33
C PRO A 303 -3.51 -3.17 4.97
N ALA A 304 -4.65 -2.79 4.43
CA ALA A 304 -5.95 -3.21 4.94
C ALA A 304 -5.90 -4.66 5.45
N VAL A 305 -6.23 -4.84 6.72
CA VAL A 305 -6.24 -6.14 7.40
C VAL A 305 -7.64 -6.76 7.40
N ARG A 306 -7.79 -7.94 6.83
CA ARG A 306 -9.10 -8.61 6.81
C ARG A 306 -9.69 -8.79 8.23
N ALA A 307 -8.88 -9.23 9.19
CA ALA A 307 -9.37 -9.37 10.57
C ALA A 307 -9.43 -8.02 11.30
N SER A 308 -10.36 -7.17 10.88
CA SER A 308 -10.61 -5.89 11.50
C SER A 308 -12.08 -5.71 11.73
N TRP A 309 -12.40 -4.99 12.79
CA TRP A 309 -13.69 -4.32 12.94
C TRP A 309 -13.48 -2.95 12.29
N VAL A 310 -14.14 -2.72 11.16
CA VAL A 310 -14.03 -1.45 10.43
C VAL A 310 -15.35 -0.70 10.60
N HIS A 311 -15.28 0.52 11.11
CA HIS A 311 -16.49 1.26 11.42
C HIS A 311 -16.33 2.77 11.25
N LYS A 312 -17.47 3.45 11.22
CA LYS A 312 -17.53 4.92 11.29
C LYS A 312 -18.91 5.32 11.78
N THR A 313 -18.92 6.27 12.71
CA THR A 313 -20.14 6.82 13.22
C THR A 313 -20.35 8.22 12.64
N GLY A 314 -21.62 8.63 12.53
CA GLY A 314 -21.93 9.99 12.09
C GLY A 314 -23.21 10.60 12.65
N ALA A 315 -23.22 11.93 12.73
CA ALA A 315 -24.40 12.65 13.13
C ALA A 315 -24.52 13.93 12.33
N THR A 316 -25.77 14.38 12.17
CA THR A 316 -26.07 15.78 11.88
C THR A 316 -27.02 16.18 13.02
N GLY A 317 -27.49 17.41 13.04
CA GLY A 317 -28.46 17.85 14.05
C GLY A 317 -29.69 16.95 14.17
N GLY A 318 -30.14 16.43 13.02
CA GLY A 318 -31.35 15.61 12.97
C GLY A 318 -31.22 14.11 12.82
N PHE A 319 -30.00 13.62 12.60
CA PHE A 319 -29.76 12.24 12.18
C PHE A 319 -28.62 11.60 12.93
N GLY A 320 -28.70 10.28 13.14
CA GLY A 320 -27.59 9.48 13.69
C GLY A 320 -27.34 8.23 12.85
N SER A 321 -26.08 8.01 12.46
CA SER A 321 -25.66 6.91 11.59
C SER A 321 -24.49 6.06 12.10
N TYR A 322 -24.45 4.81 11.64
CA TYR A 322 -23.37 3.91 12.00
C TYR A 322 -23.21 2.84 10.94
N VAL A 323 -21.95 2.57 10.58
CA VAL A 323 -21.61 1.46 9.70
C VAL A 323 -20.43 0.72 10.30
N ALA A 324 -20.52 -0.61 10.35
CA ALA A 324 -19.41 -1.45 10.80
C ALA A 324 -19.38 -2.76 9.99
N PHE A 325 -18.19 -3.30 9.78
CA PHE A 325 -18.06 -4.54 9.03
C PHE A 325 -16.78 -5.23 9.36
N ILE A 326 -16.80 -6.55 9.19
CA ILE A 326 -15.68 -7.42 9.47
C ILE A 326 -15.36 -8.21 8.21
N PRO A 327 -14.42 -7.71 7.38
CA PRO A 327 -14.14 -8.42 6.11
C PRO A 327 -13.86 -9.93 6.26
N GLU A 328 -13.14 -10.30 7.33
CA GLU A 328 -12.84 -11.71 7.63
C GLU A 328 -14.11 -12.59 7.67
N LYS A 329 -15.20 -12.04 8.19
CA LYS A 329 -16.43 -12.80 8.38
C LYS A 329 -17.45 -12.53 7.27
N GLU A 330 -17.11 -11.64 6.32
CA GLU A 330 -18.03 -11.20 5.27
C GLU A 330 -19.35 -10.65 5.85
N LEU A 331 -19.22 -9.80 6.87
CA LEU A 331 -20.32 -9.40 7.73
C LEU A 331 -20.28 -7.91 7.97
N GLY A 332 -21.43 -7.27 7.79
CA GLY A 332 -21.56 -5.85 8.02
C GLY A 332 -22.93 -5.42 8.44
N ILE A 333 -22.99 -4.18 8.91
CA ILE A 333 -24.23 -3.60 9.39
C ILE A 333 -24.25 -2.11 9.04
N VAL A 334 -25.43 -1.64 8.64
CA VAL A 334 -25.69 -0.22 8.54
C VAL A 334 -26.93 0.12 9.36
N MET A 335 -26.84 1.21 10.12
CA MET A 335 -27.93 1.68 10.95
C MET A 335 -28.15 3.15 10.66
N LEU A 336 -29.31 3.48 10.12
CA LEU A 336 -29.65 4.87 9.78
C LEU A 336 -30.89 5.31 10.53
N ALA A 337 -30.81 6.44 11.24
CA ALA A 337 -31.90 6.93 12.06
C ALA A 337 -32.10 8.42 11.89
N ASN A 338 -33.36 8.87 11.96
CA ASN A 338 -33.66 10.29 11.80
C ASN A 338 -33.82 11.02 13.14
N LYS A 339 -32.93 10.67 14.06
CA LYS A 339 -32.69 11.43 15.26
C LYS A 339 -31.23 11.20 15.66
N ASN A 340 -30.54 12.25 16.11
CA ASN A 340 -29.20 12.09 16.63
C ASN A 340 -29.32 11.47 18.05
N TYR A 341 -28.71 10.31 18.26
CA TYR A 341 -28.75 9.68 19.58
C TYR A 341 -27.34 9.25 19.93
N PRO A 342 -27.10 8.95 21.22
CA PRO A 342 -25.72 8.76 21.67
C PRO A 342 -24.98 7.65 20.96
N ASN A 343 -23.73 7.96 20.56
CA ASN A 343 -22.89 7.01 19.85
C ASN A 343 -22.72 5.64 20.55
N PRO A 344 -22.36 5.63 21.85
CA PRO A 344 -22.27 4.36 22.58
C PRO A 344 -23.46 3.41 22.38
N ALA A 345 -24.68 3.96 22.40
CA ALA A 345 -25.92 3.22 22.13
C ALA A 345 -25.96 2.60 20.73
N ARG A 346 -25.51 3.36 19.72
CA ARG A 346 -25.33 2.86 18.34
C ARG A 346 -24.38 1.68 18.28
N VAL A 347 -23.20 1.86 18.87
CA VAL A 347 -22.16 0.83 18.81
C VAL A 347 -22.59 -0.39 19.63
N ASP A 348 -23.26 -0.16 20.75
CA ASP A 348 -23.75 -1.27 21.57
C ASP A 348 -24.70 -2.17 20.78
N ALA A 349 -25.64 -1.55 20.07
CA ALA A 349 -26.59 -2.28 19.23
C ALA A 349 -25.90 -3.06 18.11
N ALA A 350 -25.03 -2.37 17.36
CA ALA A 350 -24.23 -3.00 16.28
C ALA A 350 -23.45 -4.22 16.74
N TRP A 351 -22.73 -4.06 17.86
CA TRP A 351 -21.96 -5.15 18.46
C TRP A 351 -22.82 -6.37 18.79
N GLN A 352 -23.93 -6.13 19.46
CA GLN A 352 -24.87 -7.19 19.82
C GLN A 352 -25.33 -7.92 18.57
N ILE A 353 -25.60 -7.18 17.48
CA ILE A 353 -26.09 -7.79 16.27
C ILE A 353 -25.00 -8.62 15.59
N LEU A 354 -23.84 -8.02 15.32
CA LEU A 354 -22.77 -8.73 14.60
C LEU A 354 -22.09 -9.80 15.44
N ASN A 355 -21.86 -9.54 16.73
CA ASN A 355 -21.29 -10.57 17.61
C ASN A 355 -22.17 -11.83 17.64
N ALA A 356 -23.48 -11.66 17.58
CA ALA A 356 -24.40 -12.80 17.54
C ALA A 356 -24.37 -13.58 16.21
N LEU A 357 -24.14 -12.88 15.10
CA LEU A 357 -24.17 -13.51 13.77
C LEU A 357 -22.83 -14.07 13.32
N GLN A 358 -21.74 -13.53 13.87
CA GLN A 358 -20.39 -13.89 13.41
C GLN A 358 -20.01 -15.27 13.89
N ALA B 1 13.27 -11.11 -34.59
CA ALA B 1 12.53 -10.06 -33.81
C ALA B 1 12.17 -8.91 -34.73
N PRO B 2 11.36 -7.95 -34.25
CA PRO B 2 11.25 -6.70 -34.99
C PRO B 2 12.64 -6.12 -35.27
N GLN B 3 12.86 -5.73 -36.52
CA GLN B 3 14.13 -5.13 -36.96
C GLN B 3 14.72 -4.15 -35.94
N GLN B 4 13.90 -3.26 -35.40
CA GLN B 4 14.38 -2.25 -34.47
C GLN B 4 15.02 -2.89 -33.23
N ILE B 5 14.44 -4.02 -32.78
CA ILE B 5 14.96 -4.72 -31.61
C ILE B 5 16.32 -5.40 -31.89
N ASN B 6 16.37 -6.20 -32.96
CA ASN B 6 17.63 -6.81 -33.45
C ASN B 6 18.74 -5.81 -33.66
N ASP B 7 18.44 -4.76 -34.41
CA ASP B 7 19.43 -3.75 -34.74
C ASP B 7 20.09 -3.22 -33.49
N ILE B 8 19.30 -2.71 -32.56
CA ILE B 8 19.87 -2.04 -31.38
C ILE B 8 20.54 -3.00 -30.40
N VAL B 9 20.05 -4.22 -30.29
CA VAL B 9 20.71 -5.23 -29.44
C VAL B 9 22.07 -5.58 -30.04
N HIS B 10 22.10 -5.84 -31.34
CA HIS B 10 23.32 -6.26 -32.01
C HIS B 10 24.35 -5.14 -32.07
N ARG B 11 23.90 -3.90 -32.26
CA ARG B 11 24.82 -2.76 -32.24
C ARG B 11 25.33 -2.42 -30.84
N THR B 12 24.62 -2.87 -29.80
CA THR B 12 24.96 -2.47 -28.44
C THR B 12 25.63 -3.59 -27.66
N ILE B 13 25.02 -4.78 -27.63
CA ILE B 13 25.56 -5.87 -26.81
C ILE B 13 26.78 -6.59 -27.44
N THR B 14 26.75 -6.82 -28.76
CA THR B 14 27.86 -7.52 -29.42
C THR B 14 29.21 -6.80 -29.19
N PRO B 15 29.30 -5.49 -29.48
CA PRO B 15 30.49 -4.70 -29.10
C PRO B 15 30.83 -4.66 -27.60
N LEU B 16 29.81 -4.65 -26.74
CA LEU B 16 30.04 -4.72 -25.29
C LEU B 16 30.78 -5.99 -24.92
N ILE B 17 30.33 -7.10 -25.49
CA ILE B 17 30.94 -8.41 -25.26
C ILE B 17 32.42 -8.46 -25.64
N GLU B 18 32.77 -7.85 -26.78
CA GLU B 18 34.17 -7.80 -27.21
C GLU B 18 34.99 -6.84 -26.33
N GLN B 19 34.40 -5.73 -25.89
CA GLN B 19 35.12 -4.74 -25.07
C GLN B 19 35.45 -5.23 -23.64
N GLN B 20 34.53 -6.00 -23.09
CA GLN B 20 34.59 -6.47 -21.72
C GLN B 20 35.10 -7.87 -21.65
N LYS B 21 35.28 -8.48 -22.81
CA LYS B 21 35.80 -9.85 -22.93
C LYS B 21 34.93 -10.86 -22.16
N ILE B 22 33.64 -10.78 -22.42
CA ILE B 22 32.66 -11.66 -21.79
C ILE B 22 32.59 -13.00 -22.53
N PRO B 23 32.87 -14.13 -21.85
CA PRO B 23 32.77 -15.46 -22.43
C PRO B 23 31.41 -15.87 -22.96
N GLY B 24 30.35 -15.56 -22.22
CA GLY B 24 28.98 -15.91 -22.63
C GLY B 24 27.95 -14.93 -22.12
N MET B 25 26.93 -14.67 -22.94
CA MET B 25 25.87 -13.75 -22.55
C MET B 25 24.53 -14.18 -23.09
N ALA B 26 23.48 -13.96 -22.31
CA ALA B 26 22.10 -14.11 -22.77
C ALA B 26 21.38 -12.80 -22.53
N VAL B 27 20.64 -12.34 -23.54
CA VAL B 27 19.85 -11.13 -23.38
C VAL B 27 18.40 -11.42 -23.74
N ALA B 28 17.48 -10.91 -22.94
CA ALA B 28 16.05 -10.89 -23.24
C ALA B 28 15.57 -9.44 -23.33
N VAL B 29 14.87 -9.12 -24.42
CA VAL B 29 14.12 -7.88 -24.49
C VAL B 29 12.63 -8.27 -24.51
N ILE B 30 11.87 -7.65 -23.61
CA ILE B 30 10.45 -7.93 -23.47
C ILE B 30 9.72 -6.66 -23.92
N TYR B 31 8.85 -6.80 -24.90
CA TYR B 31 8.27 -5.66 -25.56
C TYR B 31 6.81 -5.98 -25.90
N GLN B 32 5.89 -5.30 -25.20
CA GLN B 32 4.44 -5.48 -25.39
C GLN B 32 3.99 -6.91 -25.17
N GLY B 33 4.50 -7.51 -24.10
CA GLY B 33 4.11 -8.86 -23.70
C GLY B 33 4.89 -9.99 -24.38
N LYS B 34 5.80 -9.62 -25.28
CA LYS B 34 6.56 -10.63 -26.06
C LYS B 34 8.05 -10.57 -25.77
N PRO B 35 8.67 -11.73 -25.48
CA PRO B 35 10.11 -11.82 -25.29
C PRO B 35 10.90 -12.08 -26.58
N TYR B 36 12.11 -11.50 -26.64
CA TYR B 36 13.05 -11.65 -27.77
C TYR B 36 14.44 -12.02 -27.25
N TYR B 37 14.96 -13.13 -27.72
CA TYR B 37 16.13 -13.72 -27.08
C TYR B 37 17.34 -13.67 -27.95
N PHE B 38 18.48 -13.46 -27.29
CA PHE B 38 19.76 -13.36 -27.95
C PHE B 38 20.79 -14.01 -27.05
N THR B 39 21.71 -14.74 -27.67
CA THR B 39 22.76 -15.45 -26.93
C THR B 39 24.08 -15.35 -27.67
N TRP B 40 25.17 -15.41 -26.90
CA TRP B 40 26.53 -15.26 -27.40
C TRP B 40 27.44 -16.18 -26.63
N GLY B 41 28.42 -16.78 -27.32
CA GLY B 41 29.55 -17.40 -26.64
C GLY B 41 29.22 -18.65 -25.85
N TYR B 42 29.93 -18.82 -24.74
CA TYR B 42 30.00 -20.11 -24.04
C TYR B 42 29.64 -20.00 -22.56
N ALA B 43 28.85 -20.99 -22.12
CA ALA B 43 28.57 -21.22 -20.71
C ALA B 43 29.77 -21.88 -20.02
N ASP B 44 30.47 -22.73 -20.78
CA ASP B 44 31.69 -23.44 -20.37
C ASP B 44 32.69 -23.40 -21.52
N ILE B 45 33.72 -22.58 -21.37
CA ILE B 45 34.70 -22.31 -22.43
C ILE B 45 35.42 -23.61 -22.80
N ALA B 46 36.02 -24.22 -21.77
CA ALA B 46 36.81 -25.43 -21.88
C ALA B 46 36.10 -26.57 -22.62
N LYS B 47 34.82 -26.79 -22.33
CA LYS B 47 34.02 -27.80 -23.04
C LYS B 47 33.30 -27.23 -24.25
N LYS B 48 33.49 -25.94 -24.53
CA LYS B 48 32.78 -25.24 -25.60
C LYS B 48 31.26 -25.50 -25.58
N GLN B 49 30.70 -25.42 -24.37
CA GLN B 49 29.25 -25.51 -24.15
C GLN B 49 28.65 -24.11 -24.39
N PRO B 50 27.74 -24.01 -25.36
CA PRO B 50 27.18 -22.72 -25.75
C PRO B 50 26.18 -22.20 -24.71
N VAL B 51 26.00 -20.89 -24.66
CA VAL B 51 24.91 -20.28 -23.90
C VAL B 51 23.62 -20.60 -24.64
N THR B 52 22.61 -21.09 -23.93
CA THR B 52 21.34 -21.45 -24.55
C THR B 52 20.20 -20.92 -23.69
N GLN B 53 18.99 -21.19 -24.15
CA GLN B 53 17.78 -20.90 -23.38
C GLN B 53 17.72 -21.69 -22.05
N GLN B 54 18.56 -22.72 -21.94
CA GLN B 54 18.57 -23.59 -20.75
C GLN B 54 19.69 -23.26 -19.77
N THR B 55 20.58 -22.34 -20.11
CA THR B 55 21.77 -22.07 -19.31
C THR B 55 21.36 -21.34 -18.04
N LEU B 56 21.79 -21.86 -16.89
CA LEU B 56 21.55 -21.19 -15.61
C LEU B 56 22.71 -20.23 -15.31
N PHE B 57 22.40 -18.96 -15.05
CA PHE B 57 23.39 -17.96 -14.64
C PHE B 57 23.20 -17.63 -13.18
N GLU B 58 24.27 -17.24 -12.49
CA GLU B 58 24.17 -16.66 -11.13
C GLU B 58 23.73 -15.21 -11.18
N LEU B 59 22.61 -14.93 -10.53
CA LEU B 59 22.02 -13.61 -10.59
C LEU B 59 22.70 -12.63 -9.68
N GLY B 60 23.39 -13.14 -8.65
CA GLY B 60 24.00 -12.31 -7.63
C GLY B 60 22.93 -11.47 -6.97
N SER B 61 23.23 -10.20 -6.75
CA SER B 61 22.34 -9.27 -6.08
C SER B 61 20.99 -9.01 -6.76
N VAL B 62 20.83 -9.36 -8.05
CA VAL B 62 19.49 -9.34 -8.64
C VAL B 62 18.55 -10.29 -7.87
N SER B 63 19.10 -11.27 -7.16
CA SER B 63 18.33 -12.11 -6.22
C SER B 63 17.51 -11.33 -5.20
N LYS B 64 17.96 -10.12 -4.87
CA LYS B 64 17.31 -9.21 -3.89
C LYS B 64 15.93 -8.75 -4.31
N THR B 65 15.71 -8.68 -5.63
CA THR B 65 14.37 -8.45 -6.18
C THR B 65 13.40 -9.58 -5.81
N PHE B 66 13.87 -10.83 -5.89
CA PHE B 66 13.05 -11.99 -5.46
C PHE B 66 12.77 -11.92 -3.97
N THR B 67 13.80 -11.66 -3.17
CA THR B 67 13.65 -11.49 -1.72
C THR B 67 12.66 -10.38 -1.36
N GLY B 68 12.73 -9.25 -2.06
CA GLY B 68 11.81 -8.16 -1.82
C GLY B 68 10.37 -8.53 -2.15
N VAL B 69 10.18 -9.22 -3.28
CA VAL B 69 8.86 -9.67 -3.65
C VAL B 69 8.34 -10.76 -2.69
N LEU B 70 9.19 -11.71 -2.31
CA LEU B 70 8.77 -12.72 -1.32
C LEU B 70 8.30 -12.04 -0.02
N GLY B 71 9.05 -11.02 0.40
CA GLY B 71 8.72 -10.23 1.57
C GLY B 71 7.39 -9.51 1.43
N GLY B 72 7.17 -8.92 0.26
CA GLY B 72 5.92 -8.26 -0.05
C GLY B 72 4.72 -9.21 -0.02
N ASP B 73 4.95 -10.43 -0.51
CA ASP B 73 3.94 -11.48 -0.53
C ASP B 73 3.59 -11.88 0.93
N ALA B 74 4.60 -11.88 1.81
CA ALA B 74 4.37 -12.19 3.23
C ALA B 74 3.52 -11.11 3.92
N ILE B 75 3.73 -9.85 3.54
CA ILE B 75 2.94 -8.72 4.07
C ILE B 75 1.47 -8.85 3.61
N ALA B 76 1.30 -9.14 2.33
CA ALA B 76 -0.01 -9.33 1.71
C ALA B 76 -0.82 -10.48 2.34
N ARG B 77 -0.10 -11.51 2.79
CA ARG B 77 -0.66 -12.65 3.53
C ARG B 77 -0.92 -12.35 5.01
N GLY B 78 -0.53 -11.16 5.46
CA GLY B 78 -0.76 -10.74 6.83
C GLY B 78 0.14 -11.49 7.79
N GLU B 79 1.28 -11.95 7.27
CA GLU B 79 2.23 -12.72 8.07
C GLU B 79 3.24 -11.82 8.75
N ILE B 80 3.59 -10.72 8.10
CA ILE B 80 4.50 -9.74 8.69
C ILE B 80 4.06 -8.32 8.41
N LYS B 81 4.58 -7.41 9.22
CA LYS B 81 4.42 -5.99 9.02
C LYS B 81 5.80 -5.33 8.96
N LEU B 82 6.04 -4.51 7.93
CA LEU B 82 7.30 -3.79 7.81
C LEU B 82 7.53 -2.83 8.97
N SER B 83 6.45 -2.42 9.62
CA SER B 83 6.50 -1.53 10.77
C SER B 83 6.90 -2.21 12.06
N ASP B 84 6.87 -3.53 12.10
CA ASP B 84 7.23 -4.27 13.31
C ASP B 84 8.74 -4.29 13.63
N PRO B 85 9.08 -4.23 14.92
CA PRO B 85 10.47 -4.42 15.30
C PRO B 85 11.00 -5.77 14.84
N THR B 86 12.31 -5.78 14.50
CA THR B 86 13.01 -6.97 14.06
C THR B 86 12.90 -8.09 15.12
N THR B 87 12.95 -7.70 16.39
CA THR B 87 12.93 -8.66 17.51
C THR B 87 11.61 -9.41 17.67
N LYS B 88 10.55 -8.87 17.10
CA LYS B 88 9.27 -9.57 17.09
C LYS B 88 9.41 -10.93 16.41
N TYR B 89 10.22 -10.97 15.35
CA TYR B 89 10.38 -12.17 14.52
C TYR B 89 11.62 -12.97 14.86
N TRP B 90 12.51 -12.39 15.68
CA TRP B 90 13.70 -13.07 16.18
C TRP B 90 13.80 -12.79 17.69
N PRO B 91 13.15 -13.65 18.52
CA PRO B 91 13.03 -13.34 19.95
C PRO B 91 14.37 -13.26 20.68
N GLU B 92 15.36 -14.02 20.22
CA GLU B 92 16.70 -14.00 20.84
C GLU B 92 17.53 -12.74 20.54
N LEU B 93 17.11 -11.92 19.57
CA LEU B 93 17.82 -10.65 19.28
C LEU B 93 17.41 -9.57 20.30
N THR B 94 17.99 -9.63 21.50
CA THR B 94 17.51 -8.80 22.63
C THR B 94 18.38 -7.57 22.95
N ALA B 95 19.45 -7.38 22.19
CA ALA B 95 20.37 -6.26 22.43
C ALA B 95 19.72 -4.93 22.12
N LYS B 96 20.02 -3.95 22.97
CA LYS B 96 19.23 -2.72 23.04
C LYS B 96 19.34 -1.83 21.78
N GLN B 97 20.35 -2.07 20.96
CA GLN B 97 20.55 -1.25 19.75
C GLN B 97 19.52 -1.59 18.67
N TRP B 98 18.85 -2.75 18.81
CA TRP B 98 17.75 -3.17 17.92
C TRP B 98 16.34 -2.58 18.19
N ASN B 99 16.16 -1.86 19.29
CA ASN B 99 14.80 -1.44 19.70
C ASN B 99 13.99 -0.65 18.64
N GLY B 100 14.60 0.32 18.00
CA GLY B 100 13.89 1.04 16.93
C GLY B 100 14.04 0.52 15.50
N ILE B 101 14.68 -0.64 15.33
CA ILE B 101 15.02 -1.16 14.01
C ILE B 101 13.94 -2.15 13.56
N THR B 102 13.26 -1.79 12.48
CA THR B 102 12.12 -2.53 12.01
C THR B 102 12.45 -3.30 10.76
N LEU B 103 11.52 -4.16 10.37
CA LEU B 103 11.66 -4.93 9.14
C LEU B 103 11.85 -3.98 7.94
N LEU B 104 11.17 -2.84 7.92
CA LEU B 104 11.38 -1.85 6.86
C LEU B 104 12.85 -1.48 6.75
N HIS B 105 13.49 -1.19 7.89
CA HIS B 105 14.87 -0.74 7.90
C HIS B 105 15.81 -1.79 7.33
N LEU B 106 15.58 -3.05 7.68
CA LEU B 106 16.35 -4.16 7.13
C LEU B 106 16.15 -4.33 5.64
N ALA B 107 14.91 -4.26 5.20
CA ALA B 107 14.53 -4.53 3.83
C ALA B 107 15.13 -3.48 2.88
N THR B 108 15.28 -2.26 3.36
CA THR B 108 15.67 -1.12 2.56
C THR B 108 17.04 -0.51 2.93
N TYR B 109 17.84 -1.23 3.68
CA TYR B 109 19.25 -0.85 3.96
C TYR B 109 19.39 0.34 4.87
N THR B 110 18.34 0.63 5.65
CA THR B 110 18.32 1.82 6.48
C THR B 110 18.37 1.54 7.99
N ALA B 111 18.88 0.37 8.38
CA ALA B 111 18.97 0.02 9.81
C ALA B 111 20.02 0.83 10.57
N GLY B 112 20.95 1.46 9.86
CA GLY B 112 21.96 2.34 10.49
C GLY B 112 23.38 1.83 10.35
N GLY B 113 23.67 1.27 9.19
CA GLY B 113 25.04 0.84 8.87
C GLY B 113 25.34 -0.64 8.98
N LEU B 114 24.35 -1.51 8.81
CA LEU B 114 24.65 -2.94 8.73
C LEU B 114 25.61 -3.16 7.55
N PRO B 115 26.61 -4.05 7.70
CA PRO B 115 27.69 -4.10 6.70
C PRO B 115 27.36 -4.76 5.36
N LEU B 116 28.02 -4.28 4.30
CA LEU B 116 27.82 -4.81 2.93
C LEU B 116 27.88 -6.34 2.87
N GLN B 117 28.84 -6.92 3.59
CA GLN B 117 29.01 -8.34 3.63
C GLN B 117 28.82 -8.81 5.05
N VAL B 118 28.15 -9.94 5.24
CA VAL B 118 28.27 -10.69 6.49
C VAL B 118 29.73 -11.19 6.58
N PRO B 119 30.42 -10.94 7.71
CA PRO B 119 31.78 -11.46 7.87
C PRO B 119 31.96 -12.93 7.49
N ASP B 120 33.08 -13.22 6.83
CA ASP B 120 33.36 -14.50 6.16
C ASP B 120 33.12 -15.70 7.09
N GLU B 121 33.56 -15.54 8.34
CA GLU B 121 33.55 -16.64 9.33
C GLU B 121 32.17 -16.99 9.86
N VAL B 122 31.19 -16.11 9.63
CA VAL B 122 29.82 -16.35 10.08
C VAL B 122 29.17 -17.45 9.22
N LYS B 123 28.76 -18.53 9.88
CA LYS B 123 28.21 -19.69 9.18
C LYS B 123 26.86 -20.15 9.75
N SER B 124 26.84 -20.47 11.04
CA SER B 124 25.69 -21.13 11.66
C SER B 124 24.68 -20.12 12.19
N SER B 125 23.51 -20.58 12.62
CA SER B 125 22.54 -19.63 13.17
C SER B 125 23.08 -19.00 14.47
N SER B 126 23.88 -19.75 15.22
CA SER B 126 24.52 -19.22 16.43
C SER B 126 25.53 -18.11 16.13
N ASP B 127 26.30 -18.29 15.05
CA ASP B 127 27.23 -17.27 14.56
C ASP B 127 26.46 -16.01 14.17
N LEU B 128 25.30 -16.21 13.53
CA LEU B 128 24.48 -15.11 13.04
C LEU B 128 23.90 -14.30 14.21
N LEU B 129 23.42 -15.00 15.22
CA LEU B 129 22.87 -14.34 16.42
C LEU B 129 23.94 -13.48 17.09
N ARG B 130 25.12 -14.05 17.29
CA ARG B 130 26.21 -13.33 17.89
C ARG B 130 26.57 -12.12 17.01
N PHE B 131 26.64 -12.34 15.70
CA PHE B 131 27.02 -11.27 14.78
C PHE B 131 26.10 -10.07 14.95
N TYR B 132 24.80 -10.30 14.89
CA TYR B 132 23.85 -9.19 14.99
C TYR B 132 23.67 -8.66 16.43
N GLN B 133 23.83 -9.51 17.45
CA GLN B 133 23.82 -9.01 18.84
C GLN B 133 24.96 -8.05 19.12
N ASN B 134 26.13 -8.34 18.55
CA ASN B 134 27.32 -7.56 18.79
C ASN B 134 27.46 -6.36 17.85
N TRP B 135 26.64 -6.30 16.78
CA TRP B 135 26.70 -5.18 15.84
C TRP B 135 26.23 -3.88 16.47
N GLN B 136 27.04 -2.84 16.29
CA GLN B 136 26.72 -1.51 16.78
C GLN B 136 26.58 -0.54 15.58
N PRO B 137 25.40 0.09 15.46
CA PRO B 137 25.10 0.95 14.31
C PRO B 137 25.94 2.22 14.22
N ALA B 138 26.24 2.64 12.99
CA ALA B 138 26.97 3.89 12.74
C ALA B 138 26.05 5.10 12.73
N TRP B 139 24.75 4.87 12.53
CA TRP B 139 23.75 5.93 12.47
C TRP B 139 22.45 5.45 13.09
N ALA B 140 21.60 6.41 13.43
CA ALA B 140 20.24 6.13 13.89
C ALA B 140 19.44 5.45 12.80
N PRO B 141 18.43 4.64 13.19
CA PRO B 141 17.64 3.98 12.16
C PRO B 141 16.82 4.94 11.29
N GLY B 142 16.62 4.59 10.04
CA GLY B 142 15.79 5.38 9.13
C GLY B 142 16.38 6.72 8.71
N THR B 143 17.69 6.85 8.73
CA THR B 143 18.35 8.13 8.38
C THR B 143 19.33 8.02 7.21
N GLN B 144 20.02 6.88 7.09
CA GLN B 144 21.04 6.64 6.06
C GLN B 144 20.83 5.27 5.41
N ARG B 145 20.88 5.28 4.08
CA ARG B 145 20.89 4.08 3.27
C ARG B 145 22.31 3.61 2.96
N LEU B 146 22.64 2.40 3.39
CA LEU B 146 23.91 1.76 3.08
C LEU B 146 23.64 0.37 2.56
N TYR B 147 23.81 0.20 1.26
CA TYR B 147 23.52 -1.07 0.62
C TYR B 147 24.26 -2.22 1.30
N ALA B 148 23.50 -3.23 1.71
CA ALA B 148 24.07 -4.29 2.55
C ALA B 148 23.36 -5.64 2.40
N ASN B 149 24.15 -6.67 2.13
CA ASN B 149 23.67 -8.07 2.11
C ASN B 149 23.19 -8.50 3.47
N SER B 150 23.87 -8.00 4.51
CA SER B 150 23.57 -8.33 5.90
C SER B 150 22.27 -7.65 6.37
N SER B 151 21.80 -6.68 5.60
CA SER B 151 20.53 -6.02 5.89
C SER B 151 19.39 -6.80 5.25
N ILE B 152 19.29 -6.78 3.93
CA ILE B 152 18.17 -7.42 3.26
C ILE B 152 18.19 -8.94 3.41
N GLY B 153 19.36 -9.52 3.64
CA GLY B 153 19.49 -10.94 3.91
C GLY B 153 18.80 -11.34 5.19
N LEU B 154 18.97 -10.50 6.21
CA LEU B 154 18.28 -10.72 7.48
C LEU B 154 16.76 -10.45 7.34
N PHE B 155 16.38 -9.43 6.56
CA PHE B 155 14.96 -9.25 6.23
C PHE B 155 14.33 -10.53 5.63
N GLY B 156 15.02 -11.16 4.68
CA GLY B 156 14.49 -12.36 4.02
C GLY B 156 14.35 -13.58 4.92
N ALA B 157 15.37 -13.83 5.74
CA ALA B 157 15.31 -14.91 6.72
C ALA B 157 14.14 -14.74 7.68
N LEU B 158 13.97 -13.52 8.18
CA LEU B 158 12.92 -13.26 9.17
C LEU B 158 11.50 -13.20 8.60
N ALA B 159 11.39 -12.75 7.35
CA ALA B 159 10.11 -12.56 6.70
C ALA B 159 9.33 -13.87 6.52
N VAL B 160 10.05 -14.97 6.35
CA VAL B 160 9.46 -16.32 6.22
C VAL B 160 9.22 -17.07 7.55
N LYS B 161 9.67 -16.55 8.67
CA LYS B 161 9.55 -17.29 9.93
C LYS B 161 8.10 -17.57 10.39
N PRO B 162 7.20 -16.58 10.33
CA PRO B 162 5.79 -16.84 10.63
C PRO B 162 5.17 -18.02 9.85
N SER B 163 5.51 -18.14 8.56
CA SER B 163 4.92 -19.15 7.70
C SER B 163 5.35 -20.56 8.09
N GLY B 164 6.47 -20.65 8.79
CA GLY B 164 7.08 -21.93 9.12
C GLY B 164 7.95 -22.51 8.01
N LEU B 165 8.00 -21.83 6.86
CA LEU B 165 8.77 -22.30 5.74
C LEU B 165 10.25 -21.95 5.88
N SER B 166 11.10 -22.78 5.30
CA SER B 166 12.47 -22.41 5.05
C SER B 166 12.44 -21.31 3.98
N PHE B 167 13.51 -20.54 3.90
CA PHE B 167 13.56 -19.47 2.93
C PHE B 167 13.47 -20.01 1.50
N GLU B 168 14.25 -21.05 1.22
CA GLU B 168 14.22 -21.69 -0.11
C GLU B 168 12.85 -22.27 -0.46
N GLN B 169 12.22 -22.94 0.50
CA GLN B 169 10.91 -23.53 0.24
C GLN B 169 9.88 -22.45 0.05
N ALA B 170 9.92 -21.43 0.90
CA ALA B 170 9.03 -20.27 0.73
C ALA B 170 9.20 -19.60 -0.67
N MET B 171 10.44 -19.37 -1.09
CA MET B 171 10.66 -18.72 -2.39
C MET B 171 10.19 -19.61 -3.57
N GLN B 172 10.36 -20.92 -3.42
CA GLN B 172 10.07 -21.88 -4.47
C GLN B 172 8.58 -21.94 -4.71
N THR B 173 7.85 -22.03 -3.60
CA THR B 173 6.43 -22.31 -3.62
C THR B 173 5.58 -21.07 -3.78
N ARG B 174 6.08 -19.92 -3.31
CA ARG B 174 5.31 -18.69 -3.35
C ARG B 174 5.69 -17.71 -4.47
N VAL B 175 6.86 -17.89 -5.06
CA VAL B 175 7.33 -16.94 -6.08
C VAL B 175 7.61 -17.70 -7.37
N PHE B 176 8.61 -18.59 -7.33
CA PHE B 176 9.03 -19.30 -8.53
C PHE B 176 7.88 -20.09 -9.13
N GLN B 177 7.32 -21.01 -8.34
CA GLN B 177 6.32 -21.94 -8.89
C GLN B 177 5.10 -21.24 -9.49
N PRO B 178 4.44 -20.32 -8.73
CA PRO B 178 3.30 -19.58 -9.27
C PRO B 178 3.59 -18.79 -10.55
N LEU B 179 4.83 -18.35 -10.72
CA LEU B 179 5.23 -17.59 -11.90
C LEU B 179 5.81 -18.51 -12.97
N LYS B 180 5.76 -19.82 -12.70
CA LYS B 180 6.22 -20.85 -13.64
C LYS B 180 7.68 -20.64 -14.05
N LEU B 181 8.49 -20.22 -13.09
CA LEU B 181 9.95 -20.15 -13.25
C LEU B 181 10.47 -21.52 -12.84
N ASN B 182 10.40 -22.43 -13.80
CA ASN B 182 10.65 -23.85 -13.61
C ASN B 182 12.12 -24.26 -13.76
N HIS B 183 13.00 -23.29 -14.02
CA HIS B 183 14.45 -23.52 -14.13
C HIS B 183 15.23 -22.45 -13.33
N THR B 184 14.69 -22.12 -12.16
CA THR B 184 15.21 -21.11 -11.25
C THR B 184 15.38 -21.78 -9.90
N TRP B 185 16.62 -21.78 -9.39
CA TRP B 185 16.95 -22.44 -8.13
C TRP B 185 17.84 -21.57 -7.24
N ILE B 186 17.66 -21.73 -5.93
CA ILE B 186 18.61 -21.22 -4.93
C ILE B 186 19.73 -22.25 -4.79
N ASN B 187 19.33 -23.52 -4.82
CA ASN B 187 20.25 -24.64 -4.82
C ASN B 187 20.01 -25.46 -6.07
N VAL B 188 20.97 -25.45 -6.98
CA VAL B 188 20.86 -26.14 -8.26
C VAL B 188 20.90 -27.65 -8.04
N PRO B 189 19.84 -28.37 -8.43
CA PRO B 189 19.80 -29.81 -8.15
C PRO B 189 20.58 -30.59 -9.22
N PRO B 190 20.94 -31.87 -8.94
CA PRO B 190 21.75 -32.66 -9.87
C PRO B 190 21.30 -32.63 -11.33
N ALA B 191 20.00 -32.81 -11.54
CA ALA B 191 19.39 -32.80 -12.88
C ALA B 191 19.62 -31.52 -13.72
N GLU B 192 19.99 -30.42 -13.06
CA GLU B 192 20.24 -29.15 -13.74
C GLU B 192 21.71 -28.75 -13.77
N GLU B 193 22.59 -29.50 -13.11
CA GLU B 193 24.02 -29.13 -13.06
C GLU B 193 24.67 -29.02 -14.46
N LYS B 194 24.18 -29.79 -15.41
CA LYS B 194 24.71 -29.77 -16.79
C LYS B 194 24.42 -28.46 -17.53
N ASN B 195 23.44 -27.72 -17.02
CA ASN B 195 23.02 -26.44 -17.60
C ASN B 195 23.56 -25.25 -16.81
N TYR B 196 24.25 -25.51 -15.71
CA TYR B 196 24.72 -24.45 -14.82
C TYR B 196 26.04 -23.92 -15.39
N ALA B 197 26.01 -22.72 -15.95
CA ALA B 197 27.22 -22.07 -16.48
C ALA B 197 28.32 -21.89 -15.42
N TRP B 198 29.57 -21.94 -15.87
CA TRP B 198 30.69 -21.43 -15.10
C TRP B 198 30.75 -19.91 -15.23
N GLY B 199 31.13 -19.26 -14.13
CA GLY B 199 31.53 -17.87 -14.15
C GLY B 199 33.03 -17.81 -14.34
N TYR B 200 33.54 -16.64 -14.74
CA TYR B 200 34.96 -16.49 -15.01
C TYR B 200 35.49 -15.24 -14.35
N ARG B 201 36.58 -15.42 -13.62
CA ARG B 201 37.20 -14.38 -12.84
C ARG B 201 38.71 -14.56 -12.98
N GLU B 202 39.35 -13.60 -13.64
CA GLU B 202 40.78 -13.70 -13.98
C GLU B 202 41.07 -14.99 -14.74
N GLY B 203 40.21 -15.31 -15.71
CA GLY B 203 40.43 -16.45 -16.59
C GLY B 203 40.05 -17.79 -16.00
N LYS B 204 39.70 -17.82 -14.71
CA LYS B 204 39.43 -19.07 -14.01
C LYS B 204 37.94 -19.30 -13.78
N ALA B 205 37.51 -20.54 -14.06
CA ALA B 205 36.13 -20.97 -13.88
C ALA B 205 35.74 -21.02 -12.41
N VAL B 206 34.68 -20.29 -12.04
CA VAL B 206 34.22 -20.23 -10.66
C VAL B 206 32.70 -20.22 -10.54
N HIS B 207 32.25 -20.81 -9.44
CA HIS B 207 30.88 -20.71 -8.95
C HIS B 207 30.88 -19.98 -7.61
N VAL B 208 29.74 -19.40 -7.24
CA VAL B 208 29.59 -18.66 -6.00
C VAL B 208 29.80 -19.56 -4.78
N SER B 209 30.57 -19.06 -3.82
CA SER B 209 30.89 -19.78 -2.60
C SER B 209 29.75 -19.71 -1.59
N PRO B 210 29.56 -20.77 -0.78
CA PRO B 210 28.61 -20.69 0.32
C PRO B 210 28.92 -19.54 1.27
N GLY B 211 27.87 -18.96 1.87
CA GLY B 211 28.02 -17.90 2.86
C GLY B 211 26.76 -17.69 3.64
N ALA B 212 26.87 -17.04 4.79
CA ALA B 212 25.72 -16.71 5.61
C ALA B 212 24.75 -15.83 4.82
N LEU B 213 23.48 -16.20 4.86
CA LEU B 213 22.40 -15.49 4.18
C LEU B 213 22.65 -15.28 2.70
N ASP B 214 23.34 -16.24 2.07
CA ASP B 214 23.58 -16.21 0.63
C ASP B 214 22.29 -16.33 -0.21
N ALA B 215 21.42 -17.27 0.17
CA ALA B 215 20.12 -17.51 -0.48
C ALA B 215 19.29 -16.23 -0.58
N GLU B 216 19.29 -15.49 0.51
CA GLU B 216 18.46 -14.32 0.72
C GLU B 216 19.04 -13.08 0.01
N ALA B 217 20.37 -13.03 -0.13
CA ALA B 217 21.06 -11.82 -0.58
C ALA B 217 21.60 -11.91 -2.02
N TYR B 218 22.10 -13.07 -2.43
CA TYR B 218 22.74 -13.22 -3.75
C TYR B 218 22.69 -14.64 -4.30
N GLY B 219 21.70 -15.41 -3.88
CA GLY B 219 21.75 -16.86 -4.09
C GLY B 219 20.93 -17.49 -5.19
N VAL B 220 20.24 -16.71 -6.01
CA VAL B 220 19.40 -17.26 -7.07
C VAL B 220 20.20 -17.53 -8.36
N LYS B 221 19.90 -18.67 -8.98
CA LYS B 221 20.41 -19.03 -10.31
C LYS B 221 19.20 -19.24 -11.21
N SER B 222 19.29 -18.70 -12.42
CA SER B 222 18.17 -18.69 -13.35
C SER B 222 18.57 -18.55 -14.82
N THR B 223 17.65 -18.94 -15.69
CA THR B 223 17.85 -18.86 -17.13
C THR B 223 17.27 -17.58 -17.71
N ILE B 224 17.68 -17.28 -18.94
CA ILE B 224 17.17 -16.11 -19.66
C ILE B 224 15.64 -16.17 -19.88
N GLU B 225 15.09 -17.35 -20.14
CA GLU B 225 13.64 -17.48 -20.30
C GLU B 225 12.90 -17.24 -18.98
N ASP B 226 13.40 -17.79 -17.87
CA ASP B 226 12.77 -17.55 -16.57
C ASP B 226 12.90 -16.09 -16.14
N MET B 227 14.07 -15.52 -16.35
CA MET B 227 14.27 -14.12 -16.02
C MET B 227 13.39 -13.22 -16.88
N ALA B 228 13.17 -13.59 -18.14
CA ALA B 228 12.18 -12.85 -18.97
C ALA B 228 10.76 -12.86 -18.37
N ARG B 229 10.31 -14.04 -17.98
CA ARG B 229 9.05 -14.20 -17.27
C ARG B 229 9.02 -13.36 -15.98
N TRP B 230 10.14 -13.28 -15.30
CA TRP B 230 10.26 -12.48 -14.05
C TRP B 230 10.11 -10.99 -14.31
N VAL B 231 10.78 -10.49 -15.34
CA VAL B 231 10.61 -9.07 -15.71
C VAL B 231 9.17 -8.77 -16.10
N GLN B 232 8.56 -9.68 -16.87
CA GLN B 232 7.19 -9.53 -17.32
C GLN B 232 6.20 -9.50 -16.18
N SER B 233 6.48 -10.29 -15.14
CA SER B 233 5.62 -10.35 -13.97
C SER B 233 5.70 -9.07 -13.16
N ASN B 234 6.89 -8.50 -13.09
CA ASN B 234 7.08 -7.22 -12.41
C ASN B 234 6.63 -6.03 -13.27
N LEU B 235 6.70 -6.16 -14.60
CA LEU B 235 6.09 -5.20 -15.54
C LEU B 235 4.58 -5.07 -15.44
N LYS B 236 3.92 -6.21 -15.24
CA LYS B 236 2.49 -6.31 -15.43
C LYS B 236 1.91 -7.22 -14.35
N PRO B 237 2.03 -6.78 -13.07
CA PRO B 237 1.62 -7.58 -11.91
C PRO B 237 0.13 -7.91 -11.91
N LEU B 238 -0.70 -7.08 -12.55
CA LEU B 238 -2.14 -7.32 -12.58
C LEU B 238 -2.57 -8.55 -13.39
N ASP B 239 -1.66 -9.10 -14.20
CA ASP B 239 -1.89 -10.39 -14.86
C ASP B 239 -1.72 -11.58 -13.94
N ILE B 240 -1.15 -11.35 -12.76
CA ILE B 240 -0.83 -12.42 -11.85
C ILE B 240 -2.09 -12.85 -11.10
N ASN B 241 -2.47 -14.11 -11.28
CA ASN B 241 -3.68 -14.65 -10.66
C ASN B 241 -3.61 -14.83 -9.13
N GLU B 242 -2.42 -14.99 -8.58
CA GLU B 242 -2.23 -15.14 -7.14
C GLU B 242 -2.29 -13.75 -6.51
N LYS B 243 -3.33 -13.50 -5.73
CA LYS B 243 -3.59 -12.16 -5.20
C LYS B 243 -2.44 -11.63 -4.36
N THR B 244 -1.96 -12.44 -3.42
CA THR B 244 -0.90 -12.00 -2.51
C THR B 244 0.45 -11.77 -3.22
N LEU B 245 0.72 -12.55 -4.29
CA LEU B 245 1.94 -12.36 -5.08
C LEU B 245 1.81 -11.06 -5.86
N GLN B 246 0.67 -10.89 -6.53
CA GLN B 246 0.30 -9.66 -7.22
C GLN B 246 0.48 -8.44 -6.34
N GLN B 247 0.04 -8.56 -5.08
CA GLN B 247 0.15 -7.47 -4.11
C GLN B 247 1.62 -7.34 -3.65
N GLY B 248 2.30 -8.47 -3.49
CA GLY B 248 3.74 -8.48 -3.18
C GLY B 248 4.63 -7.74 -4.16
N ILE B 249 4.41 -7.97 -5.45
CA ILE B 249 5.13 -7.30 -6.51
C ILE B 249 4.92 -5.80 -6.44
N GLN B 250 3.67 -5.43 -6.26
CA GLN B 250 3.27 -4.06 -6.13
C GLN B 250 3.91 -3.38 -4.93
N LEU B 251 3.91 -4.06 -3.79
CA LEU B 251 4.54 -3.55 -2.58
C LEU B 251 6.08 -3.39 -2.70
N ALA B 252 6.71 -4.26 -3.47
CA ALA B 252 8.17 -4.23 -3.70
C ALA B 252 8.63 -3.05 -4.60
N GLN B 253 7.69 -2.48 -5.37
CA GLN B 253 7.93 -1.30 -6.20
C GLN B 253 7.38 -0.02 -5.60
N SER B 254 6.78 -0.11 -4.39
CA SER B 254 6.44 1.10 -3.66
C SER B 254 7.73 1.83 -3.30
N ARG B 255 7.59 3.13 -3.10
CA ARG B 255 8.72 4.01 -2.88
C ARG B 255 8.72 4.41 -1.42
N TYR B 256 9.71 3.88 -0.70
CA TYR B 256 9.80 4.03 0.74
C TYR B 256 10.78 5.12 1.16
N TRP B 257 11.85 5.31 0.38
CA TRP B 257 12.88 6.31 0.70
C TRP B 257 13.31 6.97 -0.58
N GLN B 258 13.71 8.23 -0.48
CA GLN B 258 14.33 8.89 -1.61
C GLN B 258 15.74 9.33 -1.27
N THR B 259 16.67 9.04 -2.18
CA THR B 259 18.01 9.63 -2.16
C THR B 259 18.33 10.11 -3.57
N GLY B 260 18.58 11.41 -3.71
CA GLY B 260 18.84 11.97 -5.03
C GLY B 260 17.61 11.78 -5.91
N ASP B 261 17.79 11.17 -7.07
CA ASP B 261 16.67 10.96 -7.98
C ASP B 261 16.17 9.50 -7.93
N MET B 262 16.61 8.75 -6.93
CA MET B 262 16.27 7.32 -6.82
C MET B 262 15.44 7.03 -5.60
N TYR B 263 14.57 6.05 -5.76
CA TYR B 263 13.67 5.61 -4.71
C TYR B 263 13.95 4.14 -4.43
N GLN B 264 14.07 3.83 -3.14
CA GLN B 264 14.24 2.47 -2.68
C GLN B 264 12.91 1.78 -2.56
N GLY B 265 12.78 0.67 -3.28
CA GLY B 265 11.66 -0.25 -3.12
C GLY B 265 12.09 -1.39 -2.23
N LEU B 266 11.41 -2.52 -2.30
CA LEU B 266 11.92 -3.74 -1.63
C LEU B 266 12.72 -4.55 -2.68
N GLY B 267 14.05 -4.48 -2.60
CA GLY B 267 14.93 -5.09 -3.61
C GLY B 267 15.09 -4.20 -4.84
N TRP B 268 13.97 -3.94 -5.51
CA TRP B 268 13.96 -3.05 -6.68
C TRP B 268 14.34 -1.61 -6.29
N GLU B 269 14.98 -0.91 -7.23
CA GLU B 269 15.19 0.53 -7.14
C GLU B 269 14.49 1.20 -8.33
N MET B 270 13.92 2.37 -8.09
CA MET B 270 13.10 3.04 -9.07
C MET B 270 13.56 4.48 -9.24
N LEU B 271 13.41 4.99 -10.47
CA LEU B 271 13.53 6.41 -10.78
C LEU B 271 12.31 6.77 -11.63
N ASP B 272 11.91 8.03 -11.59
CA ASP B 272 10.86 8.49 -12.50
C ASP B 272 11.33 8.37 -13.97
N TRP B 273 10.43 7.89 -14.82
CA TRP B 273 10.65 7.85 -16.26
C TRP B 273 10.01 9.11 -16.89
N PRO B 274 10.71 9.78 -17.83
CA PRO B 274 12.03 9.46 -18.36
C PRO B 274 13.14 9.78 -17.38
N VAL B 275 14.25 9.05 -17.50
CA VAL B 275 15.43 9.26 -16.66
C VAL B 275 16.50 10.04 -17.39
N ASN B 276 17.34 10.73 -16.63
CA ASN B 276 18.65 11.12 -17.13
C ASN B 276 19.56 9.89 -17.11
N PRO B 277 20.01 9.41 -18.28
CA PRO B 277 20.81 8.19 -18.36
C PRO B 277 22.14 8.24 -17.60
N ASP B 278 22.84 9.36 -17.67
CA ASP B 278 24.09 9.55 -16.92
C ASP B 278 23.93 9.36 -15.42
N SER B 279 22.76 9.73 -14.89
CA SER B 279 22.46 9.54 -13.47
C SER B 279 22.39 8.05 -13.12
N ILE B 280 21.61 7.26 -13.86
CA ILE B 280 21.53 5.83 -13.59
C ILE B 280 22.84 5.16 -13.96
N ILE B 281 23.49 5.64 -15.03
CA ILE B 281 24.76 5.03 -15.48
C ILE B 281 25.86 5.28 -14.45
N ASN B 282 26.12 6.54 -14.11
CA ASN B 282 27.19 6.88 -13.15
C ASN B 282 26.81 6.48 -11.71
N GLY B 283 25.53 6.59 -11.36
CA GLY B 283 25.05 6.12 -10.05
C GLY B 283 25.16 4.62 -9.77
N SER B 284 25.25 3.80 -10.82
CA SER B 284 25.46 2.36 -10.67
C SER B 284 26.92 2.01 -10.38
N ASP B 285 27.83 2.94 -10.58
CA ASP B 285 29.21 2.76 -10.15
C ASP B 285 29.23 2.49 -8.64
N ASN B 286 29.99 1.50 -8.20
CA ASN B 286 30.00 1.12 -6.78
C ASN B 286 30.50 2.22 -5.84
N LYS B 287 31.30 3.16 -6.33
CA LYS B 287 31.74 4.27 -5.50
C LYS B 287 30.52 5.10 -5.07
N ILE B 288 29.47 5.07 -5.87
CA ILE B 288 28.18 5.68 -5.52
C ILE B 288 27.17 4.68 -4.92
N ALA B 289 26.98 3.54 -5.59
CA ALA B 289 25.92 2.60 -5.22
C ALA B 289 26.15 1.94 -3.85
N LEU B 290 27.41 1.76 -3.46
CA LEU B 290 27.76 1.17 -2.16
C LEU B 290 28.01 2.20 -1.08
N ALA B 291 27.96 3.48 -1.43
CA ALA B 291 28.20 4.56 -0.48
C ALA B 291 26.95 4.87 0.36
N ALA B 292 27.16 5.21 1.63
CA ALA B 292 26.06 5.67 2.47
C ALA B 292 25.48 6.99 1.93
N ARG B 293 24.15 7.10 1.94
CA ARG B 293 23.47 8.29 1.46
C ARG B 293 22.30 8.62 2.41
N PRO B 294 22.09 9.92 2.72
CA PRO B 294 20.95 10.31 3.55
C PRO B 294 19.64 10.05 2.84
N VAL B 295 18.66 9.50 3.55
CA VAL B 295 17.38 9.20 2.90
C VAL B 295 16.27 10.07 3.45
N LYS B 296 15.38 10.46 2.54
CA LYS B 296 14.13 11.14 2.86
C LYS B 296 13.04 10.05 2.97
N ALA B 297 12.40 9.93 4.15
CA ALA B 297 11.24 9.05 4.31
C ALA B 297 10.11 9.56 3.43
N ILE B 298 9.43 8.64 2.78
CA ILE B 298 8.26 8.93 2.00
C ILE B 298 7.12 8.35 2.83
N THR B 299 6.40 9.25 3.49
CA THR B 299 5.46 8.87 4.53
C THR B 299 4.06 9.38 4.18
N PRO B 300 3.18 8.45 3.76
CA PRO B 300 3.38 7.02 3.58
C PRO B 300 4.06 6.74 2.24
N PRO B 301 4.59 5.51 2.05
CA PRO B 301 5.25 5.15 0.80
C PRO B 301 4.32 5.35 -0.39
N THR B 302 4.88 5.80 -1.50
CA THR B 302 4.10 5.99 -2.70
C THR B 302 3.94 4.62 -3.33
N PRO B 303 2.71 4.24 -3.68
CA PRO B 303 2.42 3.03 -4.46
C PRO B 303 3.15 3.05 -5.78
N ALA B 304 3.43 1.85 -6.28
CA ALA B 304 4.25 1.65 -7.47
C ALA B 304 3.78 2.54 -8.63
N VAL B 305 4.72 3.30 -9.18
CA VAL B 305 4.44 4.25 -10.24
C VAL B 305 4.75 3.58 -11.55
N ARG B 306 3.76 3.54 -12.44
CA ARG B 306 3.92 2.93 -13.74
C ARG B 306 4.99 3.64 -14.58
N ALA B 307 5.08 4.97 -14.44
CA ALA B 307 6.08 5.75 -15.18
C ALA B 307 7.44 5.80 -14.44
N SER B 308 8.06 4.64 -14.30
CA SER B 308 9.32 4.51 -13.62
C SER B 308 10.29 3.67 -14.43
N TRP B 309 11.57 3.96 -14.25
CA TRP B 309 12.64 3.06 -14.60
C TRP B 309 12.93 2.19 -13.36
N VAL B 310 12.64 0.90 -13.44
CA VAL B 310 12.81 -0.02 -12.31
C VAL B 310 13.94 -0.94 -12.66
N HIS B 311 14.91 -1.09 -11.76
CA HIS B 311 16.12 -1.83 -12.09
C HIS B 311 16.87 -2.37 -10.89
N LYS B 312 17.78 -3.30 -11.18
CA LYS B 312 18.70 -3.86 -10.20
C LYS B 312 19.91 -4.45 -10.92
N THR B 313 21.10 -4.05 -10.45
CA THR B 313 22.35 -4.68 -10.83
C THR B 313 22.67 -5.82 -9.85
N GLY B 314 23.39 -6.82 -10.32
CA GLY B 314 23.84 -7.90 -9.47
C GLY B 314 25.07 -8.58 -10.00
N ALA B 315 25.95 -9.00 -9.07
CA ALA B 315 27.17 -9.70 -9.40
C ALA B 315 27.48 -10.82 -8.41
N THR B 316 28.25 -11.79 -8.88
CA THR B 316 29.01 -12.66 -8.02
C THR B 316 30.44 -12.56 -8.55
N GLY B 317 31.35 -13.32 -7.96
CA GLY B 317 32.74 -13.35 -8.41
C GLY B 317 32.87 -13.65 -9.90
N GLY B 318 31.99 -14.52 -10.41
CA GLY B 318 32.08 -14.97 -11.79
C GLY B 318 31.03 -14.46 -12.75
N PHE B 319 30.01 -13.76 -12.25
CA PHE B 319 28.89 -13.32 -13.07
C PHE B 319 28.55 -11.86 -12.90
N GLY B 320 27.98 -11.30 -13.96
CA GLY B 320 27.46 -9.92 -14.01
C GLY B 320 26.06 -9.93 -14.64
N SER B 321 25.06 -9.44 -13.90
CA SER B 321 23.67 -9.41 -14.39
C SER B 321 23.01 -8.05 -14.23
N TYR B 322 22.04 -7.75 -15.08
CA TYR B 322 21.25 -6.55 -14.96
C TYR B 322 19.82 -6.78 -15.43
N VAL B 323 18.88 -6.18 -14.70
CA VAL B 323 17.48 -6.20 -15.09
C VAL B 323 16.95 -4.79 -14.99
N ALA B 324 16.17 -4.38 -15.98
CA ALA B 324 15.59 -3.03 -16.01
C ALA B 324 14.29 -3.03 -16.80
N PHE B 325 13.28 -2.31 -16.28
CA PHE B 325 12.01 -2.19 -16.99
C PHE B 325 11.23 -0.90 -16.73
N ILE B 326 10.28 -0.65 -17.65
CA ILE B 326 9.41 0.53 -17.65
C ILE B 326 7.96 0.08 -17.85
N PRO B 327 7.17 -0.01 -16.75
CA PRO B 327 5.76 -0.49 -16.86
C PRO B 327 4.88 0.31 -17.84
N GLU B 328 4.93 1.63 -17.72
CA GLU B 328 4.22 2.52 -18.64
C GLU B 328 4.44 2.14 -20.10
N LYS B 329 5.65 1.71 -20.45
CA LYS B 329 5.98 1.40 -21.85
C LYS B 329 5.93 -0.10 -22.18
N GLU B 330 5.62 -0.93 -21.19
CA GLU B 330 5.54 -2.40 -21.35
C GLU B 330 6.85 -2.97 -21.88
N LEU B 331 7.96 -2.41 -21.40
CA LEU B 331 9.32 -2.67 -21.88
C LEU B 331 10.21 -3.14 -20.76
N GLY B 332 10.92 -4.24 -20.99
CA GLY B 332 12.01 -4.64 -20.12
C GLY B 332 13.18 -5.31 -20.81
N ILE B 333 14.23 -5.50 -20.03
CA ILE B 333 15.43 -6.17 -20.52
C ILE B 333 16.09 -6.96 -19.40
N VAL B 334 16.66 -8.10 -19.78
CA VAL B 334 17.55 -8.89 -18.93
C VAL B 334 18.87 -9.11 -19.65
N MET B 335 19.95 -8.87 -18.92
CA MET B 335 21.29 -9.11 -19.40
C MET B 335 22.00 -10.02 -18.41
N LEU B 336 22.36 -11.23 -18.86
CA LEU B 336 23.01 -12.21 -18.00
C LEU B 336 24.34 -12.53 -18.64
N ALA B 337 25.43 -12.36 -17.90
CA ALA B 337 26.77 -12.60 -18.40
C ALA B 337 27.55 -13.41 -17.41
N ASN B 338 28.47 -14.25 -17.89
CA ASN B 338 29.30 -15.06 -16.98
C ASN B 338 30.70 -14.49 -16.83
N LYS B 339 30.73 -13.18 -16.68
CA LYS B 339 31.85 -12.44 -16.15
C LYS B 339 31.24 -11.25 -15.41
N ASN B 340 31.84 -10.89 -14.27
CA ASN B 340 31.50 -9.67 -13.53
C ASN B 340 32.24 -8.50 -14.19
N TYR B 341 31.52 -7.78 -15.04
CA TYR B 341 32.07 -6.59 -15.72
C TYR B 341 31.38 -5.34 -15.15
N PRO B 342 31.98 -4.14 -15.32
CA PRO B 342 31.50 -2.95 -14.60
C PRO B 342 30.02 -2.55 -14.75
N ASN B 343 29.35 -2.28 -13.61
CA ASN B 343 27.93 -1.86 -13.60
C ASN B 343 27.54 -0.79 -14.64
N PRO B 344 28.26 0.34 -14.69
CA PRO B 344 27.87 1.36 -15.67
C PRO B 344 27.80 0.88 -17.13
N ALA B 345 28.68 -0.04 -17.51
CA ALA B 345 28.66 -0.59 -18.86
C ALA B 345 27.36 -1.35 -19.14
N ARG B 346 26.87 -2.09 -18.13
CA ARG B 346 25.56 -2.76 -18.21
C ARG B 346 24.43 -1.79 -18.38
N VAL B 347 24.42 -0.76 -17.53
CA VAL B 347 23.31 0.18 -17.45
C VAL B 347 23.26 1.05 -18.71
N ASP B 348 24.44 1.33 -19.26
CA ASP B 348 24.55 2.12 -20.49
C ASP B 348 23.95 1.34 -21.67
N ALA B 349 24.21 0.04 -21.70
CA ALA B 349 23.73 -0.82 -22.80
C ALA B 349 22.23 -0.95 -22.73
N ALA B 350 21.71 -1.22 -21.53
CA ALA B 350 20.27 -1.33 -21.27
C ALA B 350 19.50 -0.05 -21.67
N TRP B 351 20.02 1.10 -21.26
CA TRP B 351 19.36 2.34 -21.56
C TRP B 351 19.38 2.60 -23.07
N GLN B 352 20.51 2.39 -23.71
CA GLN B 352 20.63 2.51 -25.16
C GLN B 352 19.56 1.69 -25.84
N ILE B 353 19.36 0.45 -25.39
CA ILE B 353 18.38 -0.44 -26.01
C ILE B 353 16.92 -0.01 -25.71
N LEU B 354 16.58 0.20 -24.44
CA LEU B 354 15.22 0.59 -24.08
C LEU B 354 14.84 2.00 -24.58
N ASN B 355 15.76 2.96 -24.53
CA ASN B 355 15.46 4.30 -25.05
C ASN B 355 15.14 4.25 -26.52
N ALA B 356 15.83 3.37 -27.24
CA ALA B 356 15.60 3.17 -28.67
C ALA B 356 14.21 2.63 -28.97
N LEU B 357 13.70 1.75 -28.10
CA LEU B 357 12.47 1.01 -28.35
C LEU B 357 11.24 1.70 -27.79
N GLN B 358 11.43 2.66 -26.90
CA GLN B 358 10.35 3.30 -26.18
C GLN B 358 9.63 4.28 -27.08
O8 C21 C . -12.71 11.25 18.00
C6 C21 C . -13.59 10.98 17.14
O7 C21 C . -13.37 10.15 16.26
C4 C21 C . -14.94 11.66 17.15
S5 C21 C . -15.23 12.83 18.40
C3 C21 C . -16.06 11.55 16.33
C2 C21 C . -17.11 12.38 16.72
C1 C21 C . -16.82 13.16 17.83
O8 C21 D . -8.00 -8.59 1.54
C6 C21 D . -9.23 -8.37 1.51
O7 C21 D . -10.02 -9.11 0.90
C4 C21 D . -9.81 -7.20 2.22
S5 C21 D . -8.71 -6.17 3.07
C3 C21 D . -11.12 -6.73 2.34
C2 C21 D . -11.20 -5.55 3.11
C1 C21 D . -9.98 -5.12 3.59
O8 C21 E . 6.14 22.25 15.08
C6 C21 E . 6.18 22.28 16.34
O7 C21 E . 7.15 21.82 16.98
C4 C21 E . 5.05 22.84 17.11
S5 C21 E . 3.72 23.45 16.20
C3 C21 E . 4.83 22.97 18.47
C2 C21 E . 3.61 23.57 18.76
C1 C21 E . 2.87 23.91 17.63
O8 C21 F . -27.03 19.44 11.17
C6 C21 F . -26.31 20.38 10.76
O7 C21 F . -26.83 21.44 10.34
C4 C21 F . -24.81 20.26 10.75
S5 C21 F . -24.05 18.80 11.30
C3 C21 F . -23.81 21.15 10.34
C2 C21 F . -22.50 20.66 10.50
C1 C21 F . -22.46 19.37 11.01
O8 C21 G . 3.46 3.05 21.98
C6 C21 G . 2.21 3.02 21.89
O7 C21 G . 1.56 1.95 21.95
C4 C21 G . 1.44 4.30 21.71
S5 C21 G . 2.38 5.76 21.62
C3 C21 G . 0.08 4.58 21.57
C2 C21 G . -0.18 5.95 21.42
C1 C21 G . 0.96 6.74 21.41
O8 C21 H . -26.56 -6.23 -4.33
C6 C21 H . -26.62 -5.33 -3.45
O7 C21 H . -27.27 -4.28 -3.64
C4 C21 H . -25.88 -5.53 -2.18
S5 C21 H . -25.01 -7.02 -2.01
C3 C21 H . -25.74 -4.76 -1.02
C2 C21 H . -24.93 -5.38 -0.06
C1 C21 H . -24.45 -6.63 -0.43
O8 C21 I . 0.19 -1.69 -13.52
C6 C21 I . 0.53 -1.16 -12.44
O7 C21 I . -0.30 -0.51 -11.77
C4 C21 I . 1.94 -1.28 -11.93
S5 C21 I . 3.03 -2.19 -12.92
C3 C21 I . 2.61 -0.82 -10.80
C2 C21 I . 3.96 -1.20 -10.77
C1 C21 I . 4.37 -1.96 -11.86
O8 C21 J . 21.02 8.33 17.74
C6 C21 J . 20.89 7.08 17.61
O7 C21 J . 19.82 6.50 17.92
C4 C21 J . 22.06 6.30 17.08
S5 C21 J . 23.49 7.20 16.68
C3 C21 J . 22.26 4.95 16.83
C2 C21 J . 23.55 4.68 16.33
C1 C21 J . 24.36 5.80 16.18
O8 C21 K . 31.80 -15.88 -3.84
C6 C21 K . 31.01 -15.21 -4.55
O7 C21 K . 30.90 -15.46 -5.77
C4 C21 K . 30.18 -14.11 -3.96
S5 C21 K . 30.33 -13.76 -2.27
C3 C21 K . 29.24 -13.24 -4.50
C2 C21 K . 28.68 -12.33 -3.59
C1 C21 K . 29.18 -12.47 -2.31
O8 C21 L . 37.99 -12.80 -19.12
C6 C21 L . 39.03 -13.24 -19.67
O7 C21 L . 39.96 -12.47 -20.03
C4 C21 L . 39.19 -14.71 -19.90
S5 C21 L . 37.90 -15.74 -19.39
C3 C21 L . 40.22 -15.47 -20.48
C2 C21 L . 39.95 -16.84 -20.50
C1 C21 L . 38.72 -17.16 -19.94
O8 C21 M . 35.99 -12.28 -26.77
C6 C21 M . 36.66 -12.23 -25.72
O7 C21 M . 37.27 -11.17 -25.47
C4 C21 M . 36.75 -13.38 -24.76
S5 C21 M . 35.88 -14.82 -25.15
C3 C21 M . 37.40 -13.60 -23.54
C2 C21 M . 37.19 -14.88 -22.98
C1 C21 M . 36.38 -15.68 -23.75
O8 C21 N . 5.69 -16.35 -22.21
C6 C21 N . 6.81 -16.25 -21.65
O7 C21 N . 7.45 -17.26 -21.29
C4 C21 N . 7.38 -14.88 -21.41
S5 C21 N . 6.39 -13.57 -21.94
C3 C21 N . 8.54 -14.41 -20.84
C2 C21 N . 8.61 -12.99 -20.85
C1 C21 N . 7.51 -12.37 -21.41
#